data_2QEQ
#
_entry.id   2QEQ
#
_cell.length_a   172.129
_cell.length_b   38.095
_cell.length_c   148.113
_cell.angle_alpha   90.00
_cell.angle_beta   96.98
_cell.angle_gamma   90.00
#
_symmetry.space_group_name_H-M   'C 1 2 1'
#
_entity_poly.entity_id   1
_entity_poly.type   'polypeptide(L)'
_entity_poly.pdbx_seq_one_letter_code
;KKQITVLDLHPGAGKTRRILPQIIKEAINRRLRTAVLAPTRVVAAEMAEALRGLPIRYQTSAVAREHNGNEIVDVMCHAT
LTHRLMSPHRVPNYNLFVMDEAHFTDPASIAARGYISTRVELGEAAAIFMTATPPGTSDPFPESNAPISDLQTEIPDRAW
NSGYEWITEYIGKTVWFVPSVKMGNEIALCLQRAGKKVIQLNRKSYETEYPKCKNDDWDFVVTTDISEMGANFKASRVID
SRKSVKPTIITEGEGRVILGEPSAVTAASAAQRRGRTGRNPSQAGDEYCYGGHTNEDDSNCAHWTEARIMLDNINMPNGL
IAQFYQPEREKVYTMDGEYRLRGEERKNFLELLRTADLPVWLAYKVAAAGVSYHDRRWCFDGPRTNTILEDNNEVEVITK
LGERKILRPRWIDARVYSDHQALKSFKDFASGKR
;
_entity_poly.pdbx_strand_id   A,B
#
# COMPACT_ATOMS: atom_id res chain seq x y z
N LYS A 2 4.71 -5.32 -21.06
CA LYS A 2 6.15 -5.68 -21.16
C LYS A 2 6.59 -6.60 -20.04
N GLN A 3 6.25 -6.23 -18.80
CA GLN A 3 6.65 -7.00 -17.61
C GLN A 3 5.45 -7.43 -16.75
N ILE A 4 5.68 -8.47 -15.93
CA ILE A 4 4.77 -8.83 -14.83
C ILE A 4 5.32 -8.24 -13.55
N THR A 5 4.50 -7.46 -12.86
CA THR A 5 4.90 -6.73 -11.67
C THR A 5 4.32 -7.41 -10.44
N VAL A 6 5.12 -7.56 -9.40
CA VAL A 6 4.67 -8.19 -8.18
C VAL A 6 4.78 -7.23 -7.00
N LEU A 7 3.63 -6.88 -6.43
CA LEU A 7 3.63 -6.09 -5.20
C LEU A 7 3.63 -7.00 -3.97
N ASP A 8 4.81 -7.14 -3.37
CA ASP A 8 5.01 -8.02 -2.21
C ASP A 8 4.43 -7.43 -0.93
N LEU A 9 3.33 -6.68 -1.08
CA LEU A 9 2.66 -6.01 0.03
C LEU A 9 2.32 -6.96 1.18
N HIS A 10 3.10 -6.87 2.26
CA HIS A 10 2.93 -7.73 3.44
C HIS A 10 1.56 -7.57 4.10
N PRO A 11 1.10 -8.61 4.83
CA PRO A 11 -0.23 -8.63 5.46
C PRO A 11 -0.65 -7.34 6.18
N GLY A 12 -1.95 -7.14 6.32
CA GLY A 12 -2.52 -5.84 6.62
C GLY A 12 -3.56 -5.40 5.60
N ALA A 13 -4.83 -5.45 5.99
CA ALA A 13 -5.93 -5.37 5.02
C ALA A 13 -6.21 -3.95 4.51
N GLY A 14 -5.15 -3.26 4.12
CA GLY A 14 -5.26 -1.95 3.49
C GLY A 14 -5.08 -2.02 1.97
N LYS A 15 -4.80 -3.23 1.47
CA LYS A 15 -4.54 -3.47 0.05
C LYS A 15 -5.74 -3.09 -0.81
N THR A 16 -6.90 -3.65 -0.49
CA THR A 16 -8.14 -3.35 -1.21
C THR A 16 -8.62 -1.96 -0.82
N ARG A 17 -8.34 -1.57 0.41
CA ARG A 17 -8.79 -0.30 0.95
C ARG A 17 -8.10 0.90 0.27
N ARG A 18 -6.78 0.86 0.23
CA ARG A 18 -5.98 2.02 -0.18
C ARG A 18 -5.46 1.98 -1.62
N ILE A 19 -4.74 0.91 -1.96
CA ILE A 19 -3.94 0.87 -3.18
C ILE A 19 -4.72 0.49 -4.43
N LEU A 20 -5.61 -0.49 -4.32
CA LEU A 20 -6.34 -0.97 -5.50
C LEU A 20 -7.04 0.13 -6.32
N PRO A 21 -7.90 0.95 -5.67
CA PRO A 21 -8.61 1.97 -6.46
C PRO A 21 -7.66 2.90 -7.21
N GLN A 22 -6.53 3.20 -6.60
CA GLN A 22 -5.47 4.04 -7.20
C GLN A 22 -4.87 3.43 -8.47
N ILE A 23 -4.62 2.11 -8.43
CA ILE A 23 -4.12 1.37 -9.59
C ILE A 23 -5.13 1.43 -10.73
N ILE A 24 -6.38 1.17 -10.40
CA ILE A 24 -7.46 1.15 -11.37
C ILE A 24 -7.79 2.56 -11.85
N LYS A 25 -7.86 3.50 -10.91
CA LYS A 25 -8.14 4.90 -11.22
C LYS A 25 -7.21 5.39 -12.32
N GLU A 26 -5.92 5.13 -12.15
CA GLU A 26 -4.94 5.51 -13.15
C GLU A 26 -4.91 4.56 -14.36
N ALA A 27 -5.55 3.39 -14.22
CA ALA A 27 -5.66 2.44 -15.32
C ALA A 27 -6.77 2.86 -16.28
N ILE A 28 -7.60 3.80 -15.82
CA ILE A 28 -8.73 4.27 -16.62
C ILE A 28 -8.36 5.50 -17.47
N ASN A 29 -7.62 6.43 -16.89
CA ASN A 29 -7.11 7.57 -17.64
C ASN A 29 -6.23 7.17 -18.84
N ARG A 30 -5.47 6.10 -18.68
CA ARG A 30 -4.59 5.59 -19.74
C ARG A 30 -5.35 4.72 -20.75
N ARG A 31 -6.67 4.63 -20.57
CA ARG A 31 -7.58 3.89 -21.45
C ARG A 31 -7.18 2.42 -21.68
N LEU A 32 -6.75 1.75 -20.62
CA LEU A 32 -6.28 0.36 -20.68
C LEU A 32 -7.37 -0.63 -20.34
N ARG A 33 -7.48 -1.69 -21.15
CA ARG A 33 -8.47 -2.73 -20.93
C ARG A 33 -8.10 -3.63 -19.77
N THR A 34 -8.78 -3.42 -18.64
CA THR A 34 -8.37 -4.04 -17.41
C THR A 34 -9.30 -5.14 -16.96
N ALA A 35 -8.69 -6.22 -16.51
CA ALA A 35 -9.38 -7.26 -15.77
C ALA A 35 -8.86 -7.26 -14.35
N VAL A 36 -9.74 -7.03 -13.37
CA VAL A 36 -9.38 -7.21 -11.95
C VAL A 36 -9.80 -8.61 -11.50
N LEU A 37 -8.84 -9.38 -11.03
CA LEU A 37 -9.06 -10.78 -10.69
C LEU A 37 -8.93 -11.05 -9.19
N ALA A 38 -9.95 -11.67 -8.63
CA ALA A 38 -9.98 -11.98 -7.20
C ALA A 38 -10.24 -13.47 -6.98
N PRO A 39 -9.72 -14.04 -5.87
CA PRO A 39 -9.82 -15.49 -5.73
C PRO A 39 -11.14 -16.04 -5.13
N THR A 40 -11.93 -15.21 -4.46
CA THR A 40 -13.16 -15.67 -3.81
C THR A 40 -14.29 -14.66 -3.99
N ARG A 41 -15.52 -15.09 -3.73
CA ARG A 41 -16.68 -14.20 -3.79
C ARG A 41 -16.56 -13.13 -2.72
N VAL A 42 -16.24 -13.55 -1.50
CA VAL A 42 -15.99 -12.62 -0.39
C VAL A 42 -15.08 -11.47 -0.86
N VAL A 43 -13.85 -11.80 -1.27
CA VAL A 43 -12.86 -10.82 -1.72
C VAL A 43 -13.34 -9.99 -2.93
N ALA A 44 -13.99 -10.63 -3.89
CA ALA A 44 -14.54 -9.94 -5.07
C ALA A 44 -15.72 -9.06 -4.71
N ALA A 45 -16.30 -9.31 -3.52
CA ALA A 45 -17.33 -8.43 -2.96
C ALA A 45 -16.72 -7.42 -2.01
N GLU A 46 -15.54 -7.75 -1.48
CA GLU A 46 -14.74 -6.78 -0.75
C GLU A 46 -14.34 -5.69 -1.72
N MET A 47 -13.99 -6.06 -2.94
CA MET A 47 -13.55 -5.14 -3.98
C MET A 47 -14.67 -4.25 -4.50
N ALA A 48 -15.89 -4.77 -4.45
CA ALA A 48 -17.08 -3.99 -4.77
C ALA A 48 -17.22 -2.82 -3.79
N GLU A 49 -17.27 -3.15 -2.49
CA GLU A 49 -17.39 -2.17 -1.41
C GLU A 49 -16.29 -1.10 -1.42
N ALA A 50 -15.16 -1.40 -2.05
CA ALA A 50 -14.00 -0.50 -2.02
C ALA A 50 -13.86 0.39 -3.25
N LEU A 51 -14.48 -0.02 -4.34
CA LEU A 51 -14.38 0.73 -5.60
C LEU A 51 -15.64 1.56 -5.87
N ARG A 52 -16.14 2.21 -4.81
CA ARG A 52 -17.35 3.02 -4.90
C ARG A 52 -17.09 4.35 -5.62
N GLY A 53 -17.72 4.51 -6.78
CA GLY A 53 -17.67 5.78 -7.52
C GLY A 53 -17.05 5.70 -8.90
N LEU A 54 -16.40 4.58 -9.22
CA LEU A 54 -15.70 4.41 -10.48
C LEU A 54 -16.48 3.54 -11.46
N PRO A 55 -16.30 3.78 -12.78
CA PRO A 55 -16.85 2.93 -13.85
C PRO A 55 -16.26 1.51 -13.83
N ILE A 56 -17.11 0.53 -13.54
CA ILE A 56 -16.69 -0.84 -13.26
C ILE A 56 -17.81 -1.80 -13.65
N ARG A 57 -17.45 -2.83 -14.39
CA ARG A 57 -18.39 -3.91 -14.64
C ARG A 57 -18.02 -5.12 -13.77
N TYR A 58 -18.66 -5.24 -12.61
CA TYR A 58 -18.57 -6.45 -11.79
C TYR A 58 -19.34 -7.57 -12.47
N GLN A 59 -18.69 -8.72 -12.65
CA GLN A 59 -19.17 -9.74 -13.59
C GLN A 59 -19.13 -11.12 -12.95
N THR A 60 -20.15 -11.92 -13.25
CA THR A 60 -20.03 -13.38 -13.15
C THR A 60 -20.33 -14.04 -14.50
N SER A 61 -20.62 -13.22 -15.50
CA SER A 61 -20.00 -13.37 -16.81
C SER A 61 -20.67 -14.49 -17.61
N ALA A 62 -21.99 -14.39 -17.76
CA ALA A 62 -22.64 -14.66 -19.03
C ALA A 62 -23.99 -13.97 -19.11
N ASN A 68 -17.72 0.83 -28.73
CA ASN A 68 -16.97 0.40 -27.55
C ASN A 68 -17.62 0.85 -26.26
N GLY A 69 -18.07 2.11 -26.24
CA GLY A 69 -18.65 2.71 -25.04
C GLY A 69 -17.58 3.15 -24.06
N ASN A 70 -18.00 3.38 -22.83
CA ASN A 70 -17.10 3.91 -21.80
C ASN A 70 -16.46 2.87 -20.88
N GLU A 71 -17.22 1.85 -20.50
CA GLU A 71 -16.76 0.87 -19.51
C GLU A 71 -15.64 -0.01 -20.03
N ILE A 72 -14.53 -0.02 -19.29
CA ILE A 72 -13.29 -0.67 -19.74
C ILE A 72 -12.60 -1.59 -18.72
N VAL A 73 -13.12 -1.67 -17.50
CA VAL A 73 -12.57 -2.57 -16.48
C VAL A 73 -13.59 -3.60 -16.00
N ASP A 74 -13.12 -4.80 -15.68
CA ASP A 74 -14.00 -5.89 -15.20
C ASP A 74 -13.56 -6.42 -13.86
N VAL A 75 -14.53 -6.69 -12.99
CA VAL A 75 -14.23 -7.29 -11.69
C VAL A 75 -14.83 -8.70 -11.59
N MET A 76 -13.97 -9.69 -11.46
CA MET A 76 -14.40 -11.10 -11.53
C MET A 76 -13.51 -12.08 -10.74
N CYS A 77 -14.06 -13.24 -10.40
CA CYS A 77 -13.30 -14.34 -9.80
C CYS A 77 -12.31 -14.98 -10.79
N HIS A 78 -11.20 -15.53 -10.30
CA HIS A 78 -10.24 -16.23 -11.18
C HIS A 78 -10.95 -17.29 -12.03
N ALA A 79 -11.84 -18.04 -11.39
CA ALA A 79 -12.53 -19.15 -12.03
C ALA A 79 -13.46 -18.72 -13.16
N THR A 80 -13.89 -17.47 -13.15
CA THR A 80 -14.78 -16.91 -14.17
C THR A 80 -13.98 -16.67 -15.44
N LEU A 81 -12.81 -16.05 -15.29
CA LEU A 81 -11.90 -15.81 -16.39
C LEU A 81 -11.56 -17.10 -17.15
N THR A 82 -11.14 -18.14 -16.43
CA THR A 82 -10.76 -19.41 -17.04
C THR A 82 -11.93 -20.13 -17.72
N HIS A 83 -13.07 -20.14 -17.04
CA HIS A 83 -14.27 -20.75 -17.60
C HIS A 83 -14.69 -20.09 -18.91
N ARG A 84 -14.49 -18.78 -19.02
CA ARG A 84 -14.77 -18.10 -20.28
C ARG A 84 -13.70 -18.37 -21.32
N LEU A 85 -12.45 -18.45 -20.86
CA LEU A 85 -11.31 -18.72 -21.72
C LEU A 85 -11.44 -20.10 -22.36
N MET A 86 -11.88 -21.07 -21.56
CA MET A 86 -12.09 -22.42 -22.05
C MET A 86 -13.27 -22.56 -23.01
N SER A 87 -14.34 -21.81 -22.75
CA SER A 87 -15.54 -21.80 -23.61
C SER A 87 -15.27 -21.17 -24.98
N PRO A 88 -16.13 -21.46 -25.97
CA PRO A 88 -15.83 -21.06 -27.35
C PRO A 88 -16.24 -19.62 -27.65
N HIS A 89 -16.64 -18.89 -26.61
CA HIS A 89 -17.14 -17.53 -26.75
C HIS A 89 -16.04 -16.50 -26.63
N ARG A 90 -16.27 -15.32 -27.21
CA ARG A 90 -15.32 -14.19 -27.17
C ARG A 90 -14.72 -13.94 -25.79
N VAL A 91 -13.49 -13.44 -25.81
CA VAL A 91 -12.84 -12.92 -24.61
C VAL A 91 -12.34 -11.50 -24.86
N PRO A 92 -12.55 -10.60 -23.88
CA PRO A 92 -12.03 -9.26 -24.08
C PRO A 92 -10.51 -9.28 -24.20
N ASN A 93 -9.99 -8.53 -25.16
CA ASN A 93 -8.56 -8.40 -25.31
C ASN A 93 -8.00 -7.41 -24.28
N TYR A 94 -7.73 -7.89 -23.08
CA TYR A 94 -7.24 -7.02 -22.01
C TYR A 94 -5.82 -6.52 -22.26
N ASN A 95 -5.57 -5.30 -21.81
CA ASN A 95 -4.24 -4.69 -21.87
C ASN A 95 -3.55 -4.83 -20.53
N LEU A 96 -4.36 -4.81 -19.47
CA LEU A 96 -3.87 -4.93 -18.11
C LEU A 96 -4.63 -6.02 -17.35
N PHE A 97 -3.88 -6.89 -16.67
CA PHE A 97 -4.43 -7.84 -15.70
C PHE A 97 -3.95 -7.48 -14.33
N VAL A 98 -4.86 -7.35 -13.36
CA VAL A 98 -4.43 -7.15 -11.98
C VAL A 98 -5.02 -8.23 -11.07
N MET A 99 -4.15 -9.05 -10.47
CA MET A 99 -4.58 -10.17 -9.62
C MET A 99 -4.40 -9.89 -8.13
N ASP A 100 -5.47 -10.09 -7.35
CA ASP A 100 -5.34 -10.06 -5.90
C ASP A 100 -5.18 -11.46 -5.35
N GLU A 101 -4.38 -11.60 -4.29
CA GLU A 101 -3.97 -12.91 -3.77
C GLU A 101 -3.55 -13.87 -4.89
N ALA A 102 -2.42 -13.53 -5.51
CA ALA A 102 -1.88 -14.27 -6.64
C ALA A 102 -1.08 -15.51 -6.20
N HIS A 103 -1.23 -15.89 -4.94
CA HIS A 103 -0.54 -17.05 -4.40
C HIS A 103 -1.47 -18.25 -4.28
N PHE A 104 -2.77 -18.05 -4.57
CA PHE A 104 -3.74 -19.15 -4.54
C PHE A 104 -3.37 -20.27 -5.49
N THR A 105 -3.32 -21.50 -4.95
CA THR A 105 -3.00 -22.67 -5.76
C THR A 105 -4.23 -23.48 -6.12
N ASP A 106 -5.36 -22.78 -6.27
CA ASP A 106 -6.56 -23.34 -6.85
C ASP A 106 -6.30 -23.62 -8.34
N PRO A 107 -6.80 -24.75 -8.87
CA PRO A 107 -6.49 -25.11 -10.26
C PRO A 107 -6.74 -23.98 -11.25
N ALA A 108 -7.86 -23.28 -11.10
CA ALA A 108 -8.24 -22.21 -12.04
C ALA A 108 -7.31 -21.02 -11.91
N SER A 109 -6.83 -20.79 -10.69
CA SER A 109 -5.97 -19.64 -10.40
C SER A 109 -4.56 -19.88 -10.92
N ILE A 110 -4.13 -21.13 -10.91
CA ILE A 110 -2.85 -21.48 -11.50
C ILE A 110 -2.98 -21.34 -13.02
N ALA A 111 -4.09 -21.83 -13.56
CA ALA A 111 -4.38 -21.69 -14.98
C ALA A 111 -4.50 -20.23 -15.41
N ALA A 112 -5.23 -19.41 -14.67
CA ALA A 112 -5.43 -18.03 -15.07
C ALA A 112 -4.12 -17.27 -14.99
N ARG A 113 -3.31 -17.61 -14.00
CA ARG A 113 -2.01 -16.99 -13.81
C ARG A 113 -1.10 -17.33 -15.00
N GLY A 114 -1.32 -18.50 -15.60
CA GLY A 114 -0.54 -18.94 -16.76
C GLY A 114 -0.95 -18.24 -18.05
N TYR A 115 -2.26 -18.17 -18.27
CA TYR A 115 -2.82 -17.40 -19.37
C TYR A 115 -2.19 -16.01 -19.41
N ILE A 116 -2.31 -15.28 -18.31
CA ILE A 116 -1.73 -13.96 -18.22
C ILE A 116 -0.23 -13.97 -18.52
N SER A 117 0.47 -14.97 -17.98
CA SER A 117 1.91 -15.06 -18.10
C SER A 117 2.34 -15.21 -19.55
N THR A 118 1.59 -16.02 -20.30
CA THR A 118 1.87 -16.21 -21.72
C THR A 118 1.63 -14.89 -22.46
N ARG A 119 0.57 -14.18 -22.11
CA ARG A 119 0.21 -12.96 -22.83
C ARG A 119 1.14 -11.78 -22.61
N VAL A 120 1.76 -11.71 -21.44
CA VAL A 120 2.80 -10.71 -21.17
C VAL A 120 4.08 -11.03 -21.95
N GLU A 121 4.45 -12.31 -21.96
CA GLU A 121 5.59 -12.79 -22.72
C GLU A 121 5.37 -12.65 -24.24
N LEU A 122 4.11 -12.57 -24.66
CA LEU A 122 3.76 -12.42 -26.07
C LEU A 122 3.74 -10.94 -26.47
N GLY A 123 3.78 -10.05 -25.48
CA GLY A 123 3.73 -8.62 -25.72
C GLY A 123 2.31 -8.06 -25.71
N GLU A 124 1.33 -8.96 -25.64
CA GLU A 124 -0.09 -8.58 -25.67
C GLU A 124 -0.60 -7.70 -24.51
N ALA A 125 0.01 -7.82 -23.32
CA ALA A 125 -0.51 -7.12 -22.13
C ALA A 125 0.50 -6.89 -21.01
N ALA A 126 0.07 -6.15 -19.99
CA ALA A 126 0.80 -5.96 -18.74
C ALA A 126 0.01 -6.52 -17.54
N ALA A 127 0.72 -6.86 -16.48
CA ALA A 127 0.07 -7.48 -15.31
C ALA A 127 0.64 -7.01 -13.98
N ILE A 128 -0.25 -6.83 -13.01
CA ILE A 128 0.17 -6.60 -11.63
C ILE A 128 -0.37 -7.75 -10.79
N PHE A 129 0.57 -8.46 -10.15
CA PHE A 129 0.26 -9.49 -9.16
C PHE A 129 0.38 -8.92 -7.74
N MET A 130 -0.68 -9.09 -6.96
CA MET A 130 -0.66 -8.65 -5.59
C MET A 130 -0.66 -9.86 -4.68
N THR A 131 0.27 -9.89 -3.72
CA THR A 131 0.40 -11.02 -2.80
C THR A 131 1.49 -10.85 -1.75
N ALA A 132 1.25 -11.41 -0.57
CA ALA A 132 2.28 -11.45 0.45
C ALA A 132 3.35 -12.49 0.09
N THR A 133 2.94 -13.56 -0.59
CA THR A 133 3.82 -14.69 -0.82
C THR A 133 3.82 -15.20 -2.28
N PRO A 134 4.53 -14.49 -3.16
CA PRO A 134 4.55 -14.71 -4.61
C PRO A 134 5.08 -16.08 -5.02
N PRO A 135 4.36 -16.77 -5.92
CA PRO A 135 4.70 -18.15 -6.25
C PRO A 135 6.17 -18.20 -6.62
N GLY A 136 6.92 -19.03 -5.91
CA GLY A 136 8.37 -19.04 -6.07
C GLY A 136 9.01 -18.95 -4.71
N THR A 137 8.57 -17.96 -3.92
CA THR A 137 9.09 -17.74 -2.58
C THR A 137 8.77 -18.88 -1.62
N SER A 138 9.72 -19.22 -0.75
CA SER A 138 9.51 -20.28 0.25
C SER A 138 10.02 -19.92 1.66
N ASP A 139 9.77 -18.67 2.07
CA ASP A 139 10.18 -18.13 3.36
C ASP A 139 8.99 -18.13 4.33
N PRO A 140 8.98 -19.06 5.30
CA PRO A 140 7.85 -19.22 6.22
C PRO A 140 7.69 -18.10 7.23
N PHE A 141 8.73 -17.30 7.41
CA PHE A 141 8.72 -16.24 8.40
C PHE A 141 8.92 -14.90 7.71
N PRO A 142 7.85 -14.32 7.17
CA PRO A 142 8.05 -13.06 6.48
C PRO A 142 8.07 -11.88 7.45
N GLU A 143 8.57 -10.74 6.98
CA GLU A 143 8.51 -9.50 7.73
C GLU A 143 7.06 -9.00 7.80
N SER A 144 6.73 -8.24 8.84
CA SER A 144 5.36 -7.78 9.06
C SER A 144 5.37 -6.49 9.87
N ASN A 145 4.20 -5.87 10.01
CA ASN A 145 4.06 -4.63 10.79
C ASN A 145 4.55 -4.78 12.23
N ALA A 146 3.79 -5.51 13.05
CA ALA A 146 4.13 -5.71 14.45
C ALA A 146 5.07 -6.91 14.59
N PRO A 147 5.90 -6.92 15.67
CA PRO A 147 6.71 -8.11 15.95
C PRO A 147 5.83 -9.32 16.28
N ILE A 148 6.26 -10.49 15.82
CA ILE A 148 5.59 -11.74 16.10
C ILE A 148 6.55 -12.64 16.87
N SER A 149 6.05 -13.29 17.92
CA SER A 149 6.82 -14.22 18.72
C SER A 149 6.70 -15.67 18.18
N ASP A 150 7.80 -16.22 17.68
CA ASP A 150 7.77 -17.53 17.03
C ASP A 150 8.19 -18.63 18.00
N LEU A 151 7.28 -19.56 18.27
CA LEU A 151 7.55 -20.61 19.26
C LEU A 151 7.16 -21.98 18.73
N GLN A 152 8.15 -22.84 18.48
CA GLN A 152 7.84 -24.22 18.13
C GLN A 152 7.56 -25.00 19.40
N THR A 153 6.31 -25.43 19.59
CA THR A 153 5.95 -26.38 20.65
C THR A 153 5.00 -27.42 20.11
N GLU A 154 4.69 -28.42 20.95
CA GLU A 154 3.84 -29.54 20.55
C GLU A 154 2.38 -29.12 20.50
N ILE A 155 1.70 -29.50 19.43
CA ILE A 155 0.33 -29.07 19.23
C ILE A 155 -0.58 -30.29 19.10
N PRO A 156 -1.63 -30.35 19.94
CA PRO A 156 -2.52 -31.51 19.97
C PRO A 156 -3.24 -31.75 18.64
N ASP A 157 -3.37 -33.02 18.26
CA ASP A 157 -4.01 -33.40 16.98
C ASP A 157 -5.47 -33.73 17.24
N ARG A 158 -5.76 -33.96 18.53
CA ARG A 158 -7.06 -34.40 18.99
C ARG A 158 -7.33 -33.71 20.31
N ALA A 159 -8.31 -34.20 21.06
CA ALA A 159 -8.62 -33.69 22.40
C ALA A 159 -7.48 -33.95 23.39
N TRP A 160 -7.58 -33.37 24.59
CA TRP A 160 -6.57 -33.51 25.64
C TRP A 160 -7.16 -33.17 27.02
N ASN A 161 -6.92 -34.02 28.01
CA ASN A 161 -7.45 -33.80 29.36
C ASN A 161 -6.67 -32.76 30.16
N SER A 162 -5.35 -32.89 30.14
CA SER A 162 -4.43 -32.00 30.85
C SER A 162 -3.05 -32.01 30.19
N GLY A 163 -2.27 -30.95 30.45
CA GLY A 163 -1.11 -30.66 29.62
C GLY A 163 -1.57 -29.73 28.50
N TYR A 164 -0.62 -29.07 27.84
CA TYR A 164 -0.96 -27.98 26.91
C TYR A 164 -1.73 -26.90 27.68
N GLU A 165 -1.37 -26.72 28.95
CA GLU A 165 -2.02 -25.77 29.84
C GLU A 165 -1.95 -24.35 29.30
N TRP A 166 -1.03 -24.13 28.36
CA TRP A 166 -0.84 -22.84 27.68
C TRP A 166 -2.01 -22.47 26.76
N ILE A 167 -2.55 -23.47 26.08
CA ILE A 167 -3.65 -23.24 25.14
C ILE A 167 -4.81 -22.50 25.78
N THR A 168 -5.26 -22.93 26.96
CA THR A 168 -6.49 -22.41 27.59
C THR A 168 -6.25 -21.31 28.64
N GLU A 169 -5.12 -21.39 29.32
CA GLU A 169 -4.75 -20.43 30.36
C GLU A 169 -4.57 -19.04 29.77
N TYR A 170 -4.16 -19.00 28.50
CA TYR A 170 -3.98 -17.76 27.73
C TYR A 170 -5.27 -16.96 27.64
N ILE A 171 -5.18 -15.64 27.76
CA ILE A 171 -6.34 -14.77 27.55
C ILE A 171 -6.22 -13.99 26.25
N GLY A 172 -7.33 -13.84 25.53
CA GLY A 172 -7.30 -13.19 24.23
C GLY A 172 -8.02 -14.01 23.18
N LYS A 173 -7.73 -13.72 21.91
CA LYS A 173 -8.37 -14.41 20.81
C LYS A 173 -7.34 -15.19 20.01
N THR A 174 -7.74 -16.35 19.45
CA THR A 174 -6.80 -17.30 18.85
C THR A 174 -7.34 -17.96 17.60
N VAL A 175 -6.51 -18.05 16.58
CA VAL A 175 -6.87 -18.77 15.36
C VAL A 175 -6.09 -20.08 15.30
N TRP A 176 -6.81 -21.19 15.31
CA TRP A 176 -6.19 -22.50 15.26
C TRP A 176 -6.39 -23.12 13.87
N PHE A 177 -5.28 -23.31 13.15
CA PHE A 177 -5.30 -24.01 11.87
C PHE A 177 -5.05 -25.48 12.10
N VAL A 178 -6.01 -26.30 11.68
CA VAL A 178 -6.02 -27.71 12.06
C VAL A 178 -5.81 -28.61 10.86
N PRO A 179 -5.23 -29.82 11.05
CA PRO A 179 -4.84 -30.68 9.90
C PRO A 179 -6.01 -31.08 9.02
N SER A 180 -7.19 -31.27 9.61
CA SER A 180 -8.37 -31.72 8.88
C SER A 180 -9.67 -31.19 9.49
N VAL A 181 -10.79 -31.37 8.77
CA VAL A 181 -12.11 -30.93 9.25
C VAL A 181 -12.63 -31.77 10.44
N LYS A 182 -12.25 -33.07 10.47
CA LYS A 182 -12.71 -33.97 11.52
C LYS A 182 -11.93 -33.76 12.83
N MET A 183 -10.63 -33.50 12.71
CA MET A 183 -9.80 -33.14 13.87
C MET A 183 -10.21 -31.79 14.44
N GLY A 184 -10.79 -30.96 13.59
CA GLY A 184 -11.38 -29.69 14.00
C GLY A 184 -12.42 -29.94 15.07
N ASN A 185 -13.48 -30.69 14.69
CA ASN A 185 -14.56 -31.05 15.61
C ASN A 185 -14.08 -31.39 17.01
N GLU A 186 -13.17 -32.35 17.10
CA GLU A 186 -12.66 -32.82 18.38
C GLU A 186 -12.04 -31.67 19.15
N ILE A 187 -11.03 -31.05 18.56
CA ILE A 187 -10.36 -29.92 19.18
C ILE A 187 -11.37 -28.87 19.66
N ALA A 188 -12.32 -28.55 18.79
CA ALA A 188 -13.35 -27.57 19.11
C ALA A 188 -14.14 -27.96 20.36
N LEU A 189 -14.80 -29.12 20.31
CA LEU A 189 -15.51 -29.66 21.47
C LEU A 189 -14.64 -29.60 22.72
N CYS A 190 -13.39 -30.05 22.60
CA CYS A 190 -12.46 -30.03 23.71
C CYS A 190 -12.37 -28.64 24.34
N LEU A 191 -12.27 -27.61 23.50
CA LEU A 191 -12.14 -26.24 23.98
C LEU A 191 -13.42 -25.76 24.62
N GLN A 192 -14.56 -26.14 24.02
CA GLN A 192 -15.88 -25.77 24.53
C GLN A 192 -16.08 -26.30 25.95
N ARG A 193 -15.64 -27.53 26.18
CA ARG A 193 -15.74 -28.20 27.47
C ARG A 193 -14.91 -27.48 28.51
N ALA A 194 -13.86 -26.80 28.07
CA ALA A 194 -13.02 -25.98 28.94
C ALA A 194 -13.65 -24.62 29.17
N GLY A 195 -14.84 -24.42 28.60
CA GLY A 195 -15.55 -23.16 28.74
C GLY A 195 -15.00 -22.06 27.85
N LYS A 196 -14.61 -22.43 26.63
CA LYS A 196 -14.13 -21.46 25.65
C LYS A 196 -15.17 -21.33 24.54
N LYS A 197 -15.42 -20.10 24.09
CA LYS A 197 -16.31 -19.85 22.95
C LYS A 197 -15.60 -20.07 21.61
N VAL A 198 -16.04 -21.07 20.84
CA VAL A 198 -15.34 -21.41 19.58
C VAL A 198 -16.21 -21.36 18.33
N ILE A 199 -15.65 -20.84 17.24
CA ILE A 199 -16.33 -20.86 15.94
C ILE A 199 -15.57 -21.79 14.99
N GLN A 200 -16.28 -22.74 14.40
CA GLN A 200 -15.69 -23.59 13.38
C GLN A 200 -16.12 -23.05 12.03
N LEU A 201 -15.19 -23.03 11.08
CA LEU A 201 -15.54 -22.61 9.72
C LEU A 201 -14.85 -23.45 8.66
N ASN A 202 -15.66 -24.03 7.78
CA ASN A 202 -15.14 -24.97 6.78
C ASN A 202 -15.52 -24.54 5.37
N ARG A 203 -16.83 -24.43 5.14
CA ARG A 203 -17.39 -23.93 3.88
C ARG A 203 -18.74 -23.24 4.09
N ASN A 215 -21.99 -13.19 14.78
CA ASN A 215 -21.61 -13.01 16.18
C ASN A 215 -20.13 -12.65 16.33
N ASP A 216 -19.75 -12.26 17.53
CA ASP A 216 -18.54 -11.47 17.73
C ASP A 216 -17.71 -12.00 18.90
N ASP A 217 -18.37 -12.17 20.05
CA ASP A 217 -17.68 -12.41 21.30
C ASP A 217 -17.18 -13.84 21.40
N TRP A 218 -15.91 -14.05 21.08
CA TRP A 218 -15.38 -15.40 20.91
C TRP A 218 -13.92 -15.48 21.35
N ASP A 219 -13.45 -16.69 21.61
CA ASP A 219 -12.09 -16.90 22.08
C ASP A 219 -11.26 -17.64 21.05
N PHE A 220 -11.89 -18.55 20.32
CA PHE A 220 -11.17 -19.40 19.37
C PHE A 220 -11.84 -19.45 18.00
N VAL A 221 -11.02 -19.44 16.96
CA VAL A 221 -11.47 -19.80 15.62
C VAL A 221 -10.67 -20.97 15.10
N VAL A 222 -11.37 -22.00 14.66
CA VAL A 222 -10.78 -23.24 14.20
C VAL A 222 -11.01 -23.38 12.70
N THR A 223 -9.93 -23.32 11.92
CA THR A 223 -10.05 -23.26 10.47
C THR A 223 -9.36 -24.42 9.78
N THR A 224 -9.94 -24.82 8.65
CA THR A 224 -9.33 -25.76 7.76
C THR A 224 -8.29 -25.01 6.93
N ASP A 225 -8.67 -23.81 6.49
CA ASP A 225 -7.84 -22.93 5.66
C ASP A 225 -8.43 -21.53 5.56
N ILE A 226 -7.56 -20.53 5.41
CA ILE A 226 -7.96 -19.12 5.32
C ILE A 226 -8.75 -18.70 4.07
N SER A 227 -9.02 -19.64 3.15
CA SER A 227 -9.77 -19.33 1.94
C SER A 227 -11.23 -18.96 2.23
N GLU A 228 -11.85 -19.72 3.14
CA GLU A 228 -13.20 -19.44 3.61
C GLU A 228 -13.13 -18.56 4.86
N MET A 229 -13.92 -17.48 4.85
CA MET A 229 -13.94 -16.47 5.91
C MET A 229 -12.54 -15.90 6.23
N GLY A 230 -12.42 -15.28 7.40
CA GLY A 230 -11.16 -14.71 7.83
C GLY A 230 -10.83 -13.48 7.01
N ALA A 231 -11.52 -12.39 7.30
CA ALA A 231 -11.22 -11.11 6.68
C ALA A 231 -11.45 -10.00 7.70
N ASN A 232 -10.36 -9.33 8.08
CA ASN A 232 -10.38 -8.26 9.07
C ASN A 232 -10.96 -8.68 10.42
N PHE A 233 -10.36 -9.69 11.05
CA PHE A 233 -10.80 -10.14 12.37
C PHE A 233 -9.70 -10.34 13.40
N LYS A 234 -9.63 -9.37 14.32
CA LYS A 234 -8.53 -9.25 15.28
C LYS A 234 -8.32 -10.48 16.17
N ALA A 235 -7.09 -10.97 16.16
CA ALA A 235 -6.67 -12.03 17.05
C ALA A 235 -5.24 -11.73 17.49
N SER A 236 -4.72 -12.47 18.45
CA SER A 236 -3.42 -12.16 19.03
C SER A 236 -2.46 -13.37 18.99
N ARG A 237 -3.01 -14.53 18.66
CA ARG A 237 -2.27 -15.78 18.67
C ARG A 237 -2.74 -16.65 17.51
N VAL A 238 -1.80 -17.25 16.80
CA VAL A 238 -2.14 -18.29 15.84
C VAL A 238 -1.56 -19.62 16.31
N ILE A 239 -2.42 -20.61 16.53
CA ILE A 239 -1.92 -21.95 16.79
C ILE A 239 -1.90 -22.68 15.45
N ASP A 240 -0.72 -23.11 15.00
CA ASP A 240 -0.64 -23.69 13.64
C ASP A 240 -0.11 -25.12 13.59
N SER A 241 -0.99 -26.05 13.25
CA SER A 241 -0.61 -27.45 13.16
C SER A 241 0.34 -27.75 11.98
N ARG A 242 0.43 -26.81 11.03
CA ARG A 242 1.31 -26.90 9.87
C ARG A 242 1.05 -28.08 8.92
N LYS A 243 -0.18 -28.56 8.97
CA LYS A 243 -0.60 -29.63 8.11
C LYS A 243 -1.94 -29.24 7.46
N SER A 244 -2.29 -29.97 6.42
CA SER A 244 -3.58 -29.85 5.75
C SER A 244 -3.75 -31.08 4.88
N VAL A 245 -5.00 -31.50 4.65
CA VAL A 245 -5.29 -32.58 3.69
C VAL A 245 -5.38 -32.01 2.28
N LYS A 246 -4.78 -32.71 1.30
CA LYS A 246 -4.78 -32.24 -0.08
C LYS A 246 -4.85 -33.38 -1.11
N PRO A 247 -5.71 -33.24 -2.13
CA PRO A 247 -5.94 -34.30 -3.11
C PRO A 247 -4.68 -34.66 -3.89
N THR A 248 -4.39 -35.95 -3.95
CA THR A 248 -3.19 -36.45 -4.60
C THR A 248 -3.58 -37.38 -5.73
N ILE A 249 -2.74 -37.42 -6.76
CA ILE A 249 -2.95 -38.34 -7.85
C ILE A 249 -1.98 -39.51 -7.77
N ILE A 250 -2.51 -40.72 -7.99
CA ILE A 250 -1.69 -41.92 -8.12
C ILE A 250 -1.48 -42.25 -9.60
N THR A 251 -0.22 -42.44 -10.01
CA THR A 251 0.13 -42.65 -11.43
C THR A 251 -0.45 -43.94 -12.01
N GLU A 252 -0.12 -45.08 -11.39
CA GLU A 252 -0.51 -46.39 -11.90
C GLU A 252 -1.97 -46.72 -11.58
N GLY A 253 -2.52 -47.69 -12.33
CA GLY A 253 -3.93 -48.05 -12.26
C GLY A 253 -4.58 -47.67 -13.58
N GLU A 254 -5.23 -46.51 -13.58
CA GLU A 254 -5.69 -45.84 -14.79
C GLU A 254 -5.73 -44.36 -14.44
N GLY A 255 -5.26 -44.06 -13.24
CA GLY A 255 -5.43 -42.75 -12.62
C GLY A 255 -6.34 -42.88 -11.42
N ARG A 256 -6.05 -42.11 -10.37
CA ARG A 256 -6.87 -42.10 -9.17
C ARG A 256 -6.48 -40.91 -8.33
N VAL A 257 -7.48 -40.36 -7.65
CA VAL A 257 -7.26 -39.28 -6.69
C VAL A 257 -7.71 -39.75 -5.33
N ILE A 258 -6.78 -39.71 -4.36
CA ILE A 258 -7.11 -39.96 -2.94
C ILE A 258 -7.13 -38.67 -2.10
N LEU A 259 -7.92 -38.67 -1.04
CA LEU A 259 -7.83 -37.63 -0.01
C LEU A 259 -7.16 -38.17 1.25
N GLY A 260 -5.86 -37.97 1.35
CA GLY A 260 -5.02 -38.81 2.18
C GLY A 260 -4.79 -38.23 3.56
N GLU A 261 -3.92 -38.87 4.33
CA GLU A 261 -3.57 -38.39 5.67
C GLU A 261 -2.96 -36.99 5.62
N PRO A 262 -3.34 -36.15 6.57
CA PRO A 262 -2.84 -34.78 6.62
C PRO A 262 -1.32 -34.73 6.53
N SER A 263 -0.81 -33.95 5.58
CA SER A 263 0.63 -33.85 5.36
C SER A 263 1.12 -32.42 5.56
N ALA A 264 2.43 -32.24 5.47
CA ALA A 264 3.07 -30.94 5.67
C ALA A 264 2.69 -29.91 4.61
N VAL A 265 2.48 -28.68 5.05
CA VAL A 265 2.16 -27.54 4.20
C VAL A 265 3.41 -26.92 3.60
N THR A 266 3.22 -26.16 2.53
CA THR A 266 4.27 -25.36 1.91
C THR A 266 4.57 -24.22 2.86
N ALA A 267 5.82 -23.74 2.88
CA ALA A 267 6.22 -22.61 3.75
C ALA A 267 5.50 -21.33 3.37
N ALA A 268 5.25 -21.14 2.08
CA ALA A 268 4.42 -20.05 1.61
C ALA A 268 3.03 -20.13 2.23
N SER A 269 2.53 -21.35 2.39
CA SER A 269 1.20 -21.58 2.99
C SER A 269 1.20 -21.33 4.50
N ALA A 270 2.33 -21.63 5.13
CA ALA A 270 2.56 -21.40 6.56
C ALA A 270 2.71 -19.91 6.82
N ALA A 271 3.42 -19.25 5.91
CA ALA A 271 3.56 -17.81 5.91
C ALA A 271 2.19 -17.11 5.96
N GLN A 272 1.29 -17.55 5.09
CA GLN A 272 -0.03 -16.94 4.99
C GLN A 272 -0.86 -17.08 6.26
N ARG A 273 -0.67 -18.19 6.98
CA ARG A 273 -1.39 -18.44 8.23
C ARG A 273 -0.85 -17.55 9.33
N ARG A 274 0.46 -17.59 9.52
CA ARG A 274 1.14 -16.68 10.44
C ARG A 274 0.72 -15.23 10.12
N GLY A 275 0.33 -15.01 8.87
CA GLY A 275 0.00 -13.68 8.39
C GLY A 275 -1.17 -13.06 9.11
N ARG A 276 -1.99 -13.91 9.73
CA ARG A 276 -3.24 -13.47 10.37
C ARG A 276 -3.00 -12.64 11.63
N THR A 277 -1.78 -12.77 12.15
CA THR A 277 -1.40 -12.18 13.43
C THR A 277 -0.27 -11.18 13.23
N GLY A 278 -0.14 -10.24 14.16
CA GLY A 278 0.96 -9.27 14.16
C GLY A 278 0.93 -8.25 13.04
N ARG A 279 -0.24 -7.64 12.81
CA ARG A 279 -0.37 -6.61 11.79
C ARG A 279 -0.93 -5.30 12.35
N ASN A 280 -1.08 -5.27 13.67
CA ASN A 280 -1.58 -4.10 14.36
C ASN A 280 -0.43 -3.50 15.20
N PRO A 281 0.16 -2.39 14.71
CA PRO A 281 1.36 -1.81 15.30
C PRO A 281 1.25 -1.49 16.79
N SER A 282 0.03 -1.25 17.26
CA SER A 282 -0.23 -0.98 18.67
C SER A 282 -0.10 -2.22 19.56
N GLN A 283 -0.37 -3.39 19.00
CA GLN A 283 -0.28 -4.65 19.72
C GLN A 283 1.05 -5.32 19.38
N ALA A 284 1.92 -5.45 20.38
CA ALA A 284 3.31 -5.84 20.14
C ALA A 284 3.66 -7.26 20.61
N GLY A 285 2.86 -7.80 21.52
CA GLY A 285 3.12 -9.12 22.09
C GLY A 285 2.38 -10.27 21.45
N ASP A 286 2.00 -10.11 20.18
CA ASP A 286 1.37 -11.18 19.40
C ASP A 286 2.32 -12.36 19.24
N GLU A 287 1.78 -13.56 19.11
CA GLU A 287 2.62 -14.78 19.03
C GLU A 287 2.11 -15.88 18.08
N TYR A 288 3.04 -16.73 17.64
CA TYR A 288 2.75 -17.78 16.67
C TYR A 288 3.38 -19.09 17.11
N CYS A 289 2.52 -20.05 17.46
CA CYS A 289 2.98 -21.35 17.89
C CYS A 289 2.70 -22.40 16.83
N TYR A 290 3.78 -22.95 16.30
CA TYR A 290 3.70 -23.93 15.23
C TYR A 290 4.32 -25.22 15.68
N GLY A 291 3.85 -26.33 15.12
CA GLY A 291 4.48 -27.64 15.35
C GLY A 291 4.68 -28.34 14.02
N GLY A 292 5.92 -28.73 13.72
CA GLY A 292 6.20 -29.39 12.45
C GLY A 292 6.81 -28.46 11.43
N HIS A 293 7.63 -29.02 10.55
CA HIS A 293 8.28 -28.23 9.51
C HIS A 293 7.47 -28.25 8.21
N THR A 294 7.89 -27.42 7.26
CA THR A 294 7.16 -27.32 5.99
C THR A 294 7.74 -28.23 4.92
N ASN A 295 6.94 -28.51 3.89
CA ASN A 295 7.40 -29.30 2.76
C ASN A 295 7.02 -28.68 1.42
N GLU A 296 8.04 -28.47 0.61
CA GLU A 296 7.89 -27.80 -0.68
C GLU A 296 7.47 -28.71 -1.83
N ASP A 297 7.69 -30.02 -1.69
CA ASP A 297 7.30 -30.99 -2.72
C ASP A 297 5.79 -31.04 -2.86
N ASP A 298 5.27 -30.46 -3.93
CA ASP A 298 3.84 -30.40 -4.16
C ASP A 298 3.44 -31.14 -5.42
N SER A 299 4.44 -31.51 -6.23
CA SER A 299 4.26 -32.08 -7.59
C SER A 299 3.09 -33.04 -7.72
N ASN A 300 2.87 -33.82 -6.67
CA ASN A 300 1.90 -34.91 -6.61
C ASN A 300 0.47 -34.45 -6.36
N CYS A 301 0.32 -33.19 -6.01
CA CYS A 301 -0.99 -32.60 -5.73
C CYS A 301 -1.82 -32.49 -7.02
N ALA A 302 -3.06 -32.97 -6.96
CA ALA A 302 -3.94 -32.99 -8.11
C ALA A 302 -4.05 -31.62 -8.76
N HIS A 303 -4.07 -30.59 -7.94
CA HIS A 303 -4.32 -29.21 -8.36
C HIS A 303 -3.47 -28.73 -9.53
N TRP A 304 -2.19 -29.12 -9.55
CA TRP A 304 -1.30 -28.72 -10.64
C TRP A 304 -1.77 -29.33 -11.93
N THR A 305 -1.94 -30.66 -11.93
CA THR A 305 -2.41 -31.39 -13.11
C THR A 305 -3.71 -30.81 -13.64
N GLU A 306 -4.63 -30.52 -12.72
CA GLU A 306 -5.92 -29.95 -13.07
C GLU A 306 -5.76 -28.57 -13.67
N ALA A 307 -4.77 -27.82 -13.19
CA ALA A 307 -4.48 -26.51 -13.73
C ALA A 307 -3.97 -26.66 -15.16
N ARG A 308 -3.13 -27.66 -15.37
CA ARG A 308 -2.52 -27.89 -16.67
C ARG A 308 -3.55 -28.34 -17.70
N ILE A 309 -4.50 -29.18 -17.27
CA ILE A 309 -5.61 -29.60 -18.12
C ILE A 309 -6.43 -28.40 -18.60
N MET A 310 -6.54 -27.39 -17.75
CA MET A 310 -7.33 -26.22 -18.06
C MET A 310 -6.66 -25.34 -19.12
N LEU A 311 -5.37 -25.04 -18.92
CA LEU A 311 -4.59 -24.23 -19.85
C LEU A 311 -4.36 -24.91 -21.20
N ASP A 312 -4.17 -26.23 -21.16
CA ASP A 312 -4.12 -27.02 -22.38
C ASP A 312 -5.38 -26.79 -23.21
N ASN A 313 -6.54 -26.82 -22.55
CA ASN A 313 -7.82 -26.61 -23.24
C ASN A 313 -8.26 -25.15 -23.38
N ILE A 314 -7.28 -24.25 -23.46
CA ILE A 314 -7.55 -22.84 -23.74
C ILE A 314 -7.05 -22.51 -25.14
N ASN A 315 -7.91 -21.84 -25.91
CA ASN A 315 -7.56 -21.42 -27.26
C ASN A 315 -6.84 -20.09 -27.25
N MET A 316 -5.67 -20.08 -27.87
CA MET A 316 -4.82 -18.90 -27.90
C MET A 316 -4.47 -18.48 -29.32
N PRO A 317 -4.16 -17.20 -29.50
CA PRO A 317 -3.78 -16.67 -30.82
C PRO A 317 -2.72 -17.55 -31.50
N ASN A 318 -2.84 -17.69 -32.82
CA ASN A 318 -1.73 -18.19 -33.62
C ASN A 318 -1.44 -19.66 -33.35
N GLY A 319 -2.28 -20.28 -32.55
CA GLY A 319 -2.29 -21.74 -32.43
C GLY A 319 -1.45 -22.21 -31.25
N LEU A 320 -0.95 -21.28 -30.46
CA LEU A 320 -0.05 -21.60 -29.34
C LEU A 320 -0.78 -22.27 -28.18
N ILE A 321 0.00 -22.95 -27.35
CA ILE A 321 -0.47 -23.47 -26.08
C ILE A 321 0.16 -22.65 -24.97
N ALA A 322 -0.68 -22.16 -24.06
CA ALA A 322 -0.21 -21.36 -22.95
C ALA A 322 0.74 -22.16 -22.07
N GLN A 323 1.85 -21.52 -21.68
CA GLN A 323 2.79 -22.07 -20.71
C GLN A 323 2.41 -21.60 -19.31
N PHE A 324 2.85 -22.36 -18.31
CA PHE A 324 2.69 -22.01 -16.91
C PHE A 324 3.52 -20.78 -16.55
N TYR A 325 3.11 -20.05 -15.52
CA TYR A 325 3.91 -19.00 -14.94
C TYR A 325 5.24 -19.60 -14.50
N GLN A 326 6.36 -18.97 -14.88
CA GLN A 326 7.68 -19.61 -14.72
C GLN A 326 7.90 -20.30 -13.37
N PRO A 327 7.68 -19.60 -12.27
CA PRO A 327 7.89 -20.16 -10.93
C PRO A 327 7.20 -21.51 -10.75
N GLU A 328 6.09 -21.71 -11.46
CA GLU A 328 5.22 -22.85 -11.27
C GLU A 328 5.43 -23.91 -12.36
N ARG A 329 6.43 -23.70 -13.20
CA ARG A 329 6.67 -24.59 -14.33
C ARG A 329 7.29 -25.92 -13.95
N GLU A 330 7.92 -26.01 -12.79
CA GLU A 330 8.61 -27.25 -12.36
C GLU A 330 7.71 -28.21 -11.61
N LYS A 331 6.41 -27.90 -11.62
CA LYS A 331 5.40 -28.69 -10.95
C LYS A 331 4.69 -29.71 -11.84
N VAL A 332 4.69 -29.46 -13.15
CA VAL A 332 4.01 -30.35 -14.10
C VAL A 332 5.03 -31.04 -14.99
N TYR A 333 4.81 -32.32 -15.24
CA TYR A 333 5.78 -33.12 -15.97
C TYR A 333 5.42 -33.36 -17.43
N THR A 334 4.11 -33.28 -17.73
CA THR A 334 3.62 -33.33 -19.09
C THR A 334 4.17 -32.15 -19.86
N MET A 335 4.21 -32.26 -21.18
CA MET A 335 4.49 -31.08 -22.00
C MET A 335 3.18 -30.41 -22.42
N ASP A 336 3.29 -29.44 -23.32
CA ASP A 336 2.15 -28.62 -23.72
C ASP A 336 1.25 -29.36 -24.70
N GLY A 337 -0.05 -29.18 -24.55
CA GLY A 337 -1.04 -29.82 -25.41
C GLY A 337 -1.27 -31.31 -25.18
N GLU A 338 -0.69 -31.85 -24.12
CA GLU A 338 -0.85 -33.28 -23.81
C GLU A 338 -2.32 -33.60 -23.52
N TYR A 339 -2.98 -32.72 -22.77
CA TYR A 339 -4.37 -32.93 -22.35
C TYR A 339 -5.39 -32.26 -23.27
N ARG A 340 -4.97 -31.82 -24.45
CA ARG A 340 -5.88 -31.15 -25.39
C ARG A 340 -7.12 -31.98 -25.72
N LEU A 341 -8.29 -31.37 -25.60
CA LEU A 341 -9.51 -31.99 -26.07
C LEU A 341 -9.97 -31.22 -27.29
N ARG A 342 -10.47 -31.94 -28.28
CA ARG A 342 -10.85 -31.39 -29.56
C ARG A 342 -12.23 -31.93 -29.93
N GLY A 343 -13.12 -31.02 -30.36
CA GLY A 343 -14.46 -31.39 -30.82
C GLY A 343 -15.48 -31.51 -29.72
N GLU A 344 -16.47 -32.38 -29.90
CA GLU A 344 -17.56 -32.62 -28.94
C GLU A 344 -17.05 -32.97 -27.52
N GLU A 345 -15.78 -33.35 -27.43
CA GLU A 345 -15.13 -33.70 -26.16
C GLU A 345 -14.97 -32.50 -25.23
N ARG A 346 -14.45 -31.39 -25.76
CA ARG A 346 -14.37 -30.13 -25.04
C ARG A 346 -15.70 -29.72 -24.44
N LYS A 347 -16.78 -30.09 -25.13
CA LYS A 347 -18.14 -29.71 -24.73
C LYS A 347 -18.62 -30.53 -23.55
N ASN A 348 -18.47 -31.85 -23.65
CA ASN A 348 -18.77 -32.75 -22.54
C ASN A 348 -17.95 -32.39 -21.31
N PHE A 349 -16.67 -32.11 -21.52
CA PHE A 349 -15.77 -31.66 -20.46
C PHE A 349 -16.36 -30.47 -19.73
N LEU A 350 -16.74 -29.46 -20.48
CA LEU A 350 -17.29 -28.23 -19.91
C LEU A 350 -18.60 -28.48 -19.18
N GLU A 351 -19.42 -29.36 -19.76
CA GLU A 351 -20.71 -29.71 -19.21
C GLU A 351 -20.58 -30.28 -17.79
N LEU A 352 -19.59 -31.15 -17.61
CA LEU A 352 -19.39 -31.85 -16.34
C LEU A 352 -18.73 -30.95 -15.29
N LEU A 353 -18.11 -29.87 -15.73
CA LEU A 353 -17.49 -28.93 -14.82
C LEU A 353 -18.53 -28.09 -14.09
N ARG A 354 -19.36 -27.36 -14.84
CA ARG A 354 -20.34 -26.48 -14.22
C ARG A 354 -21.60 -27.22 -13.80
N THR A 355 -22.32 -27.81 -14.75
CA THR A 355 -23.59 -28.46 -14.44
C THR A 355 -23.38 -29.57 -13.41
N ALA A 356 -22.59 -30.57 -13.78
CA ALA A 356 -22.32 -31.71 -12.92
C ALA A 356 -21.60 -31.35 -11.63
N ASP A 357 -20.89 -30.22 -11.63
CA ASP A 357 -20.03 -29.80 -10.52
C ASP A 357 -19.04 -30.92 -10.13
N LEU A 358 -18.35 -31.46 -11.13
CA LEU A 358 -17.31 -32.45 -10.90
C LEU A 358 -15.91 -31.83 -10.93
N PRO A 359 -14.99 -32.35 -10.08
CA PRO A 359 -13.58 -31.95 -10.11
C PRO A 359 -12.97 -32.11 -11.49
N VAL A 360 -12.04 -31.22 -11.83
CA VAL A 360 -11.48 -31.13 -13.19
C VAL A 360 -10.86 -32.43 -13.68
N TRP A 361 -10.13 -33.11 -12.79
CA TRP A 361 -9.57 -34.41 -13.12
C TRP A 361 -10.65 -35.33 -13.66
N LEU A 362 -11.64 -35.62 -12.82
CA LEU A 362 -12.73 -36.54 -13.17
C LEU A 362 -13.43 -36.18 -14.49
N ALA A 363 -13.88 -34.94 -14.60
CA ALA A 363 -14.54 -34.46 -15.82
C ALA A 363 -13.66 -34.77 -17.04
N TYR A 364 -12.38 -34.46 -16.93
CA TYR A 364 -11.46 -34.73 -18.03
C TYR A 364 -11.43 -36.23 -18.30
N LYS A 365 -11.14 -37.02 -17.27
CA LYS A 365 -11.02 -38.47 -17.44
C LYS A 365 -12.22 -38.98 -18.22
N VAL A 366 -13.41 -38.63 -17.75
CA VAL A 366 -14.65 -39.01 -18.38
C VAL A 366 -14.67 -38.55 -19.84
N ALA A 367 -14.67 -37.23 -20.06
CA ALA A 367 -14.79 -36.66 -21.39
C ALA A 367 -13.79 -37.22 -22.39
N ALA A 368 -12.55 -37.39 -21.97
CA ALA A 368 -11.48 -37.86 -22.84
C ALA A 368 -11.67 -39.31 -23.33
N ALA A 369 -12.43 -40.09 -22.56
CA ALA A 369 -12.68 -41.50 -22.89
C ALA A 369 -13.72 -41.69 -24.00
N GLY A 370 -14.41 -40.60 -24.35
CA GLY A 370 -15.38 -40.61 -25.43
C GLY A 370 -16.81 -40.74 -24.95
N VAL A 371 -17.02 -40.65 -23.64
CA VAL A 371 -18.37 -40.75 -23.09
C VAL A 371 -19.09 -39.40 -23.16
N SER A 372 -20.42 -39.43 -23.08
CA SER A 372 -21.26 -38.22 -23.19
C SER A 372 -21.95 -37.82 -21.88
N TYR A 373 -22.23 -36.54 -21.74
CA TYR A 373 -22.76 -35.97 -20.49
C TYR A 373 -23.96 -36.73 -19.93
N HIS A 374 -24.71 -37.38 -20.80
CA HIS A 374 -25.94 -38.06 -20.37
C HIS A 374 -25.77 -39.56 -20.14
N ASP A 375 -24.65 -40.13 -20.60
CA ASP A 375 -24.39 -41.58 -20.48
C ASP A 375 -23.84 -42.02 -19.11
N ARG A 376 -24.64 -41.88 -18.07
CA ARG A 376 -24.25 -42.20 -16.69
C ARG A 376 -23.85 -43.66 -16.41
N ARG A 377 -23.51 -44.40 -17.45
CA ARG A 377 -23.18 -45.83 -17.29
C ARG A 377 -21.93 -46.05 -16.44
N TRP A 378 -20.95 -45.17 -16.65
CA TRP A 378 -19.59 -45.40 -16.17
C TRP A 378 -19.48 -45.53 -14.65
N CYS A 379 -20.49 -45.01 -13.94
CA CYS A 379 -20.50 -45.00 -12.48
C CYS A 379 -20.90 -46.34 -11.89
N PHE A 380 -20.93 -47.36 -12.74
CA PHE A 380 -21.41 -48.68 -12.35
C PHE A 380 -20.52 -49.81 -12.87
N ASP A 381 -19.99 -49.64 -14.07
CA ASP A 381 -19.16 -50.68 -14.70
C ASP A 381 -17.66 -50.51 -14.37
N GLY A 382 -17.34 -50.54 -13.08
CA GLY A 382 -15.96 -50.46 -12.63
C GLY A 382 -15.56 -51.74 -11.91
N PRO A 383 -14.24 -51.90 -11.62
CA PRO A 383 -13.73 -53.09 -10.92
C PRO A 383 -14.18 -53.21 -9.46
N ARG A 384 -14.23 -54.45 -8.96
CA ARG A 384 -14.64 -54.77 -7.59
C ARG A 384 -14.05 -53.82 -6.55
N THR A 385 -12.81 -53.41 -6.79
CA THR A 385 -12.05 -52.56 -5.88
C THR A 385 -12.50 -51.10 -5.91
N ASN A 386 -13.22 -50.72 -6.96
CA ASN A 386 -13.71 -49.36 -7.12
C ASN A 386 -15.10 -49.13 -6.52
N THR A 387 -15.50 -50.01 -5.61
CA THR A 387 -16.81 -49.89 -4.97
C THR A 387 -16.76 -48.86 -3.84
N ILE A 388 -17.58 -47.83 -3.95
CA ILE A 388 -17.63 -46.76 -2.96
C ILE A 388 -18.37 -47.22 -1.70
N LEU A 389 -17.73 -47.08 -0.55
CA LEU A 389 -18.30 -47.49 0.74
C LEU A 389 -18.92 -46.31 1.50
N GLU A 390 -20.20 -46.43 1.85
CA GLU A 390 -20.92 -45.37 2.57
C GLU A 390 -20.47 -45.28 4.04
N ASP A 391 -20.82 -46.31 4.82
CA ASP A 391 -20.25 -46.45 6.15
C ASP A 391 -19.04 -47.36 6.03
N ASN A 392 -19.33 -48.62 5.72
CA ASN A 392 -18.37 -49.55 5.15
C ASN A 392 -19.18 -50.53 4.31
N ASN A 393 -20.25 -50.00 3.72
CA ASN A 393 -21.20 -50.76 2.95
C ASN A 393 -21.38 -50.15 1.57
N GLU A 394 -21.47 -51.02 0.56
CA GLU A 394 -21.72 -50.62 -0.82
C GLU A 394 -23.02 -49.81 -0.88
N VAL A 395 -22.96 -48.66 -1.57
CA VAL A 395 -24.07 -47.71 -1.60
C VAL A 395 -25.16 -48.17 -2.56
N GLU A 396 -26.41 -48.00 -2.15
CA GLU A 396 -27.55 -48.27 -3.02
C GLU A 396 -28.06 -46.99 -3.68
N VAL A 397 -28.19 -47.02 -5.00
CA VAL A 397 -28.70 -45.88 -5.77
C VAL A 397 -29.76 -46.30 -6.78
N ILE A 398 -30.98 -45.82 -6.57
CA ILE A 398 -32.11 -46.13 -7.44
C ILE A 398 -32.13 -45.16 -8.61
N THR A 399 -32.09 -45.70 -9.84
CA THR A 399 -32.10 -44.88 -11.05
C THR A 399 -33.52 -44.48 -11.45
N LYS A 400 -33.66 -43.86 -12.63
CA LYS A 400 -34.96 -43.44 -13.17
C LYS A 400 -35.87 -44.65 -13.42
N LEU A 401 -36.67 -44.98 -12.39
CA LEU A 401 -37.52 -46.18 -12.33
C LEU A 401 -36.82 -47.48 -12.76
N GLY A 402 -35.48 -47.48 -12.67
CA GLY A 402 -34.66 -48.61 -13.10
C GLY A 402 -34.34 -49.58 -11.98
N GLU A 403 -33.07 -49.95 -11.89
CA GLU A 403 -32.65 -51.09 -11.09
C GLU A 403 -32.02 -50.75 -9.74
N ARG A 404 -31.53 -51.80 -9.08
CA ARG A 404 -30.72 -51.68 -7.88
C ARG A 404 -29.29 -52.01 -8.31
N LYS A 405 -28.54 -50.97 -8.65
CA LYS A 405 -27.13 -51.10 -9.00
C LYS A 405 -26.26 -50.30 -8.03
N ILE A 406 -25.27 -50.98 -7.45
CA ILE A 406 -24.31 -50.36 -6.55
C ILE A 406 -23.38 -49.43 -7.31
N LEU A 407 -23.01 -48.32 -6.68
CA LEU A 407 -22.13 -47.31 -7.26
C LEU A 407 -20.69 -47.82 -7.35
N ARG A 408 -20.20 -47.93 -8.58
CA ARG A 408 -18.86 -48.45 -8.85
C ARG A 408 -18.29 -47.78 -10.10
N PRO A 409 -17.74 -46.56 -9.94
CA PRO A 409 -17.35 -45.76 -11.10
C PRO A 409 -16.11 -46.31 -11.79
N ARG A 410 -15.99 -46.05 -13.10
CA ARG A 410 -14.83 -46.51 -13.87
C ARG A 410 -13.57 -45.75 -13.48
N TRP A 411 -13.76 -44.61 -12.84
CA TRP A 411 -12.66 -43.77 -12.37
C TRP A 411 -12.97 -43.30 -10.95
N ILE A 412 -11.97 -43.39 -10.07
CA ILE A 412 -12.15 -43.01 -8.68
C ILE A 412 -11.48 -41.67 -8.38
N ASP A 413 -12.28 -40.72 -7.88
CA ASP A 413 -11.75 -39.42 -7.48
C ASP A 413 -12.29 -39.02 -6.11
N ALA A 414 -11.43 -39.07 -5.10
CA ALA A 414 -11.86 -39.21 -3.72
C ALA A 414 -12.75 -38.05 -3.31
N ARG A 415 -12.85 -37.05 -4.18
CA ARG A 415 -13.49 -35.78 -3.83
C ARG A 415 -14.99 -35.93 -3.71
N VAL A 416 -15.56 -36.85 -4.48
CA VAL A 416 -16.97 -36.77 -4.86
C VAL A 416 -17.85 -37.51 -3.87
N TYR A 417 -17.22 -38.16 -2.89
CA TYR A 417 -17.96 -38.95 -1.90
C TYR A 417 -17.38 -38.76 -0.50
N SER A 418 -16.13 -38.31 -0.44
CA SER A 418 -15.37 -38.32 0.81
C SER A 418 -16.05 -37.44 1.86
N ASP A 419 -16.81 -36.45 1.40
CA ASP A 419 -17.47 -35.54 2.28
C ASP A 419 -18.94 -35.77 2.20
N HIS A 420 -19.62 -35.72 3.32
CA HIS A 420 -20.96 -36.31 3.45
C HIS A 420 -21.98 -35.64 2.58
N GLN A 421 -21.85 -34.35 2.43
CA GLN A 421 -22.77 -33.67 1.51
C GLN A 421 -22.45 -34.00 0.05
N ALA A 422 -21.16 -34.16 -0.25
CA ALA A 422 -20.68 -34.42 -1.61
C ALA A 422 -21.21 -35.72 -2.20
N LEU A 423 -21.33 -36.74 -1.35
CA LEU A 423 -21.78 -38.08 -1.80
C LEU A 423 -23.21 -38.04 -2.34
N LYS A 424 -24.11 -37.38 -1.61
CA LYS A 424 -25.50 -37.23 -2.05
C LYS A 424 -25.61 -36.72 -3.48
N SER A 425 -24.81 -35.70 -3.81
CA SER A 425 -24.87 -35.05 -5.13
C SER A 425 -24.28 -35.94 -6.24
N PHE A 426 -23.31 -36.77 -5.87
CA PHE A 426 -22.77 -37.76 -6.79
C PHE A 426 -23.80 -38.87 -6.99
N LYS A 427 -24.51 -39.21 -5.92
CA LYS A 427 -25.66 -40.11 -5.96
C LYS A 427 -26.76 -39.53 -6.84
N ASP A 428 -27.11 -38.26 -6.59
CA ASP A 428 -28.06 -37.52 -7.40
C ASP A 428 -27.60 -37.36 -8.84
N PHE A 429 -26.29 -37.46 -9.08
CA PHE A 429 -25.74 -37.38 -10.43
C PHE A 429 -25.88 -38.69 -11.19
N ALA A 430 -25.60 -39.81 -10.51
CA ALA A 430 -25.71 -41.13 -11.11
C ALA A 430 -27.17 -41.52 -11.32
N SER A 431 -28.07 -40.86 -10.58
CA SER A 431 -29.49 -41.08 -10.71
C SER A 431 -29.95 -40.41 -12.00
N GLY A 432 -29.92 -39.08 -12.03
CA GLY A 432 -30.31 -38.33 -13.22
C GLY A 432 -31.18 -37.13 -12.88
N LYS B 2 3.94 13.82 -21.28
CA LYS B 2 2.67 14.57 -21.10
C LYS B 2 1.77 13.85 -20.09
N GLN B 3 2.27 13.68 -18.87
CA GLN B 3 1.58 12.95 -17.80
C GLN B 3 1.88 13.54 -16.41
N ILE B 4 0.84 13.82 -15.63
CA ILE B 4 1.04 14.22 -14.24
C ILE B 4 0.31 13.31 -13.24
N THR B 5 0.82 12.09 -13.11
CA THR B 5 0.19 11.07 -12.28
C THR B 5 0.26 11.43 -10.79
N VAL B 6 -0.90 11.65 -10.18
CA VAL B 6 -0.99 11.87 -8.74
C VAL B 6 -1.40 10.58 -8.03
N LEU B 7 -0.74 10.28 -6.91
CA LEU B 7 -1.04 9.08 -6.16
C LEU B 7 -1.30 9.38 -4.69
N ASP B 8 -2.57 9.30 -4.28
CA ASP B 8 -2.96 9.53 -2.90
C ASP B 8 -2.47 8.40 -1.98
N LYS B 15 4.13 4.16 1.86
CA LYS B 15 4.54 4.49 0.49
C LYS B 15 6.00 4.11 0.24
N THR B 16 6.83 4.26 1.28
CA THR B 16 8.29 4.17 1.16
C THR B 16 8.83 2.80 0.73
N ARG B 17 8.46 1.76 1.47
CA ARG B 17 9.16 0.48 1.40
C ARG B 17 8.84 -0.26 0.10
N ARG B 18 7.56 -0.41 -0.19
CA ARG B 18 7.08 -1.53 -0.91
C ARG B 18 6.56 -1.19 -2.29
N ILE B 19 5.91 -0.05 -2.43
CA ILE B 19 5.49 0.45 -3.74
C ILE B 19 6.62 1.13 -4.50
N LEU B 20 7.38 1.99 -3.82
CA LEU B 20 8.41 2.80 -4.47
C LEU B 20 9.37 1.98 -5.34
N PRO B 21 10.16 1.07 -4.74
CA PRO B 21 11.16 0.34 -5.54
C PRO B 21 10.57 -0.43 -6.72
N GLN B 22 9.25 -0.60 -6.73
CA GLN B 22 8.56 -1.32 -7.80
C GLN B 22 8.31 -0.45 -9.03
N ILE B 23 8.11 0.85 -8.79
CA ILE B 23 8.02 1.84 -9.87
C ILE B 23 9.40 2.06 -10.47
N ILE B 24 10.37 2.35 -9.61
CA ILE B 24 11.76 2.58 -9.98
C ILE B 24 12.35 1.39 -10.75
N LYS B 25 12.01 0.18 -10.31
CA LYS B 25 12.41 -1.06 -11.01
C LYS B 25 11.98 -1.04 -12.48
N GLU B 26 10.71 -0.70 -12.73
CA GLU B 26 10.19 -0.65 -14.09
C GLU B 26 10.76 0.51 -14.90
N ALA B 27 10.99 1.64 -14.23
CA ALA B 27 11.62 2.81 -14.86
C ALA B 27 13.02 2.49 -15.40
N ILE B 28 13.81 1.75 -14.62
CA ILE B 28 15.14 1.32 -15.05
C ILE B 28 15.02 0.45 -16.29
N ASN B 29 14.03 -0.43 -16.30
CA ASN B 29 13.77 -1.28 -17.45
C ASN B 29 13.27 -0.50 -18.67
N ARG B 30 12.51 0.56 -18.42
CA ARG B 30 11.97 1.40 -19.49
C ARG B 30 13.01 2.40 -19.99
N ARG B 31 14.18 2.38 -19.35
CA ARG B 31 15.34 3.24 -19.70
C ARG B 31 15.05 4.74 -19.52
N LEU B 32 14.10 5.07 -18.65
CA LEU B 32 13.77 6.45 -18.32
C LEU B 32 14.64 6.98 -17.18
N ARG B 33 15.40 8.05 -17.47
CA ARG B 33 16.21 8.74 -16.45
C ARG B 33 15.34 9.34 -15.36
N THR B 34 15.57 8.89 -14.12
CA THR B 34 14.64 9.17 -13.03
C THR B 34 15.27 10.01 -11.92
N ALA B 35 14.49 10.96 -11.42
CA ALA B 35 14.86 11.73 -10.24
C ALA B 35 13.78 11.58 -9.18
N VAL B 36 14.15 10.93 -8.07
CA VAL B 36 13.26 10.69 -6.94
C VAL B 36 13.50 11.76 -5.88
N LEU B 37 12.44 12.50 -5.54
CA LEU B 37 12.56 13.69 -4.67
C LEU B 37 11.90 13.50 -3.32
N ALA B 38 12.70 13.58 -2.26
CA ALA B 38 12.21 13.48 -0.88
C ALA B 38 12.17 14.86 -0.24
N PRO B 39 11.14 15.15 0.57
CA PRO B 39 11.05 16.50 1.12
C PRO B 39 12.20 16.83 2.07
N THR B 40 12.51 15.92 2.99
CA THR B 40 13.49 16.19 4.05
C THR B 40 14.66 15.20 4.05
N ARG B 41 15.78 15.60 4.66
CA ARG B 41 17.00 14.78 4.81
C ARG B 41 16.72 13.34 5.28
N VAL B 42 15.97 13.23 6.38
CA VAL B 42 15.60 11.95 6.99
C VAL B 42 14.88 11.01 6.02
N VAL B 43 13.92 11.56 5.28
CA VAL B 43 13.09 10.78 4.34
C VAL B 43 13.92 10.25 3.19
N ALA B 44 14.91 11.03 2.74
CA ALA B 44 15.80 10.64 1.66
C ALA B 44 16.65 9.42 2.03
N ALA B 45 17.18 9.41 3.26
CA ALA B 45 17.97 8.28 3.76
C ALA B 45 17.15 6.99 3.79
N GLU B 46 15.91 7.10 4.20
CA GLU B 46 14.97 5.99 4.20
C GLU B 46 14.73 5.51 2.79
N MET B 47 14.59 6.46 1.86
CA MET B 47 14.44 6.15 0.44
C MET B 47 15.69 5.47 -0.12
N ALA B 48 16.85 5.80 0.43
CA ALA B 48 18.13 5.25 -0.01
C ALA B 48 18.31 3.80 0.46
N GLU B 49 17.88 3.52 1.70
CA GLU B 49 17.93 2.18 2.28
C GLU B 49 16.87 1.27 1.68
N ALA B 50 15.75 1.86 1.25
CA ALA B 50 14.66 1.11 0.63
C ALA B 50 14.90 0.83 -0.87
N LEU B 51 16.12 1.04 -1.33
CA LEU B 51 16.47 0.87 -2.73
C LEU B 51 17.84 0.23 -2.89
N ARG B 52 18.39 -0.25 -1.78
CA ARG B 52 19.65 -0.97 -1.79
C ARG B 52 19.68 -1.98 -2.94
N GLY B 53 20.79 -2.03 -3.68
CA GLY B 53 20.95 -3.02 -4.74
C GLY B 53 20.83 -2.54 -6.16
N LEU B 54 19.96 -1.55 -6.40
CA LEU B 54 19.75 -0.97 -7.73
C LEU B 54 20.79 0.12 -8.05
N PRO B 55 21.12 0.31 -9.34
CA PRO B 55 22.07 1.37 -9.75
C PRO B 55 21.51 2.79 -9.52
N ILE B 56 21.85 3.35 -8.36
CA ILE B 56 21.29 4.62 -7.90
C ILE B 56 22.35 5.49 -7.24
N ARG B 57 22.35 6.78 -7.55
CA ARG B 57 23.22 7.73 -6.86
C ARG B 57 22.44 8.70 -5.98
N TYR B 58 22.89 8.82 -4.73
CA TYR B 58 22.29 9.76 -3.78
C TYR B 58 23.25 10.92 -3.60
N GLN B 59 22.73 12.15 -3.69
CA GLN B 59 23.56 13.36 -3.61
C GLN B 59 22.90 14.50 -2.84
N THR B 60 23.70 15.48 -2.41
CA THR B 60 23.18 16.69 -1.80
C THR B 60 23.99 17.91 -2.23
N SER B 61 23.37 18.77 -3.03
CA SER B 61 23.97 20.05 -3.40
C SER B 61 25.43 19.85 -3.82
N GLY B 69 29.82 7.16 -14.16
CA GLY B 69 29.08 5.94 -13.81
C GLY B 69 27.80 5.74 -14.61
N ASN B 70 27.35 4.49 -14.68
CA ASN B 70 26.18 4.12 -15.48
C ASN B 70 24.82 4.27 -14.76
N GLU B 71 24.81 4.97 -13.62
CA GLU B 71 23.61 5.16 -12.81
C GLU B 71 22.64 6.13 -13.49
N ILE B 72 21.36 5.75 -13.56
CA ILE B 72 20.35 6.51 -14.32
C ILE B 72 19.23 7.14 -13.46
N VAL B 73 19.18 6.76 -12.18
CA VAL B 73 18.19 7.34 -11.26
C VAL B 73 18.91 8.04 -10.11
N ASP B 74 18.48 9.27 -9.81
CA ASP B 74 19.07 10.05 -8.72
C ASP B 74 18.08 10.29 -7.59
N VAL B 75 18.57 10.24 -6.36
CA VAL B 75 17.73 10.41 -5.17
C VAL B 75 18.18 11.61 -4.34
N MET B 76 17.26 12.55 -4.12
CA MET B 76 17.61 13.83 -3.50
C MET B 76 16.46 14.51 -2.73
N CYS B 77 16.77 15.58 -2.03
CA CYS B 77 15.76 16.43 -1.42
C CYS B 77 15.10 17.35 -2.46
N HIS B 78 14.03 18.03 -2.03
CA HIS B 78 13.34 19.01 -2.87
C HIS B 78 14.23 20.25 -3.08
N ALA B 79 14.78 20.76 -1.99
CA ALA B 79 15.62 21.97 -2.04
C ALA B 79 16.86 21.78 -2.92
N THR B 80 17.45 20.59 -2.88
CA THR B 80 18.64 20.30 -3.66
C THR B 80 18.36 20.42 -5.17
N LEU B 81 17.11 20.21 -5.54
CA LEU B 81 16.73 20.17 -6.95
C LEU B 81 16.55 21.58 -7.51
N THR B 82 15.92 22.44 -6.73
CA THR B 82 15.75 23.84 -7.11
C THR B 82 17.09 24.57 -7.08
N HIS B 83 17.92 24.29 -6.08
CA HIS B 83 19.24 24.91 -5.99
C HIS B 83 20.13 24.59 -7.18
N ARG B 84 20.12 23.34 -7.59
CA ARG B 84 20.91 22.90 -8.72
C ARG B 84 20.35 23.46 -10.02
N LEU B 85 19.03 23.70 -10.04
CA LEU B 85 18.40 24.29 -11.21
C LEU B 85 18.65 25.80 -11.32
N MET B 86 18.92 26.44 -10.19
CA MET B 86 19.21 27.87 -10.17
C MET B 86 20.69 28.14 -10.41
N SER B 87 21.55 27.18 -10.06
CA SER B 87 22.98 27.31 -10.27
C SER B 87 23.36 27.12 -11.75
N PRO B 88 24.59 27.50 -12.15
CA PRO B 88 24.96 27.40 -13.57
C PRO B 88 25.46 26.00 -13.97
N HIS B 89 25.47 25.06 -13.03
CA HIS B 89 25.89 23.69 -13.30
C HIS B 89 24.77 22.86 -13.91
N ARG B 90 25.09 22.17 -15.01
CA ARG B 90 24.11 21.41 -15.80
C ARG B 90 23.39 20.29 -15.03
N VAL B 91 22.07 20.25 -15.16
CA VAL B 91 21.27 19.16 -14.61
C VAL B 91 20.72 18.27 -15.73
N PRO B 92 20.71 16.94 -15.52
CA PRO B 92 20.27 16.02 -16.56
C PRO B 92 18.88 16.33 -17.13
N ASN B 93 18.72 16.01 -18.41
CA ASN B 93 17.43 16.17 -19.07
C ASN B 93 16.53 14.99 -18.69
N TYR B 94 16.01 15.03 -17.46
CA TYR B 94 15.29 13.88 -16.86
C TYR B 94 14.11 13.41 -17.70
N ASN B 95 13.78 12.13 -17.57
CA ASN B 95 12.66 11.58 -18.30
C ASN B 95 11.44 11.43 -17.40
N LEU B 96 11.69 11.07 -16.14
CA LEU B 96 10.63 10.96 -15.14
C LEU B 96 11.05 11.58 -13.81
N PHE B 97 10.11 12.29 -13.19
CA PHE B 97 10.25 12.77 -11.82
C PHE B 97 9.25 12.01 -10.96
N VAL B 98 9.69 11.59 -9.77
CA VAL B 98 8.78 11.02 -8.78
C VAL B 98 8.92 11.75 -7.45
N MET B 99 7.90 12.54 -7.10
CA MET B 99 7.98 13.44 -5.96
C MET B 99 7.20 12.93 -4.74
N ASP B 100 7.92 12.74 -3.64
CA ASP B 100 7.31 12.28 -2.38
C ASP B 100 6.89 13.46 -1.51
N GLU B 101 5.82 13.26 -0.75
CA GLU B 101 5.23 14.32 0.09
C GLU B 101 5.03 15.64 -0.70
N ALA B 102 4.27 15.54 -1.79
CA ALA B 102 4.11 16.65 -2.72
C ALA B 102 3.10 17.72 -2.28
N HIS B 103 2.61 17.61 -1.04
CA HIS B 103 1.75 18.65 -0.48
C HIS B 103 2.58 19.76 0.18
N PHE B 104 3.81 19.42 0.57
CA PHE B 104 4.68 20.27 1.39
C PHE B 104 4.94 21.67 0.79
N THR B 105 4.37 22.69 1.43
CA THR B 105 4.45 24.08 0.94
C THR B 105 5.68 24.86 1.45
N ASP B 106 6.79 24.16 1.60
CA ASP B 106 8.10 24.80 1.69
C ASP B 106 8.52 25.38 0.35
N PRO B 107 8.95 26.63 0.35
CA PRO B 107 9.09 27.41 -0.89
C PRO B 107 9.89 26.64 -1.94
N ALA B 108 10.94 25.94 -1.50
CA ALA B 108 11.79 25.19 -2.42
C ALA B 108 11.07 24.01 -3.09
N SER B 109 9.90 23.65 -2.57
CA SER B 109 9.11 22.53 -3.08
C SER B 109 8.03 23.01 -4.05
N ILE B 110 7.35 24.09 -3.68
CA ILE B 110 6.42 24.77 -4.57
C ILE B 110 7.12 25.04 -5.90
N ALA B 111 8.29 25.67 -5.83
CA ALA B 111 9.11 25.96 -7.01
C ALA B 111 9.42 24.71 -7.79
N ALA B 112 9.74 23.63 -7.07
CA ALA B 112 10.07 22.32 -7.65
C ALA B 112 8.89 21.72 -8.39
N ARG B 113 7.69 21.89 -7.83
CA ARG B 113 6.47 21.47 -8.51
C ARG B 113 6.22 22.28 -9.76
N GLY B 114 6.50 23.59 -9.70
CA GLY B 114 6.48 24.44 -10.90
C GLY B 114 7.36 23.92 -12.03
N TYR B 115 8.65 23.73 -11.75
CA TYR B 115 9.59 23.24 -12.75
C TYR B 115 9.13 21.91 -13.34
N ILE B 116 8.75 20.97 -12.47
CA ILE B 116 8.32 19.65 -12.92
C ILE B 116 7.02 19.74 -13.72
N SER B 117 6.10 20.57 -13.24
CA SER B 117 4.85 20.83 -13.93
C SER B 117 5.10 21.30 -15.36
N THR B 118 5.96 22.31 -15.51
CA THR B 118 6.27 22.86 -16.84
C THR B 118 6.96 21.89 -17.78
N ARG B 119 7.73 20.96 -17.23
CA ARG B 119 8.46 20.01 -18.05
C ARG B 119 7.58 18.90 -18.63
N VAL B 120 6.48 18.59 -17.96
CA VAL B 120 5.54 17.63 -18.54
C VAL B 120 4.67 18.30 -19.60
N GLU B 121 4.26 19.54 -19.36
CA GLU B 121 3.36 20.26 -20.26
C GLU B 121 3.99 20.49 -21.63
N LEU B 122 5.30 20.69 -21.66
CA LEU B 122 6.03 20.81 -22.91
C LEU B 122 6.19 19.45 -23.59
N GLY B 123 6.14 18.37 -22.79
CA GLY B 123 6.19 17.00 -23.29
C GLY B 123 7.60 16.43 -23.30
N GLU B 124 8.41 16.79 -22.32
CA GLU B 124 9.76 16.25 -22.22
C GLU B 124 10.02 15.52 -20.90
N ALA B 125 8.95 15.26 -20.14
CA ALA B 125 9.05 14.55 -18.87
C ALA B 125 7.68 14.09 -18.38
N ALA B 126 7.68 13.14 -17.45
CA ALA B 126 6.47 12.72 -16.74
C ALA B 126 6.69 12.81 -15.23
N ALA B 127 5.63 12.63 -14.45
CA ALA B 127 5.72 12.79 -12.99
C ALA B 127 4.78 11.91 -12.19
N ILE B 128 5.22 11.53 -11.00
CA ILE B 128 4.35 10.90 -10.02
C ILE B 128 4.49 11.64 -8.71
N PHE B 129 3.50 12.48 -8.41
CA PHE B 129 3.41 13.15 -7.12
C PHE B 129 2.70 12.18 -6.20
N MET B 130 3.28 11.93 -5.03
CA MET B 130 2.66 11.07 -4.03
C MET B 130 2.29 11.87 -2.80
N THR B 131 0.99 12.08 -2.59
CA THR B 131 0.52 12.69 -1.34
C THR B 131 -0.92 12.35 -0.95
N ALA B 132 -1.17 12.32 0.36
CA ALA B 132 -2.52 12.10 0.90
C ALA B 132 -3.49 13.24 0.57
N THR B 133 -2.98 14.48 0.55
CA THR B 133 -3.81 15.65 0.22
C THR B 133 -3.19 16.53 -0.88
N PRO B 134 -3.55 16.26 -2.15
CA PRO B 134 -2.98 17.00 -3.28
C PRO B 134 -3.29 18.49 -3.21
N PRO B 135 -2.50 19.33 -3.91
CA PRO B 135 -2.84 20.75 -3.96
C PRO B 135 -4.21 20.97 -4.59
N GLY B 136 -5.05 21.73 -3.91
CA GLY B 136 -6.35 22.12 -4.46
C GLY B 136 -7.55 21.67 -3.64
N THR B 137 -7.42 20.54 -2.97
CA THR B 137 -8.55 19.89 -2.31
C THR B 137 -8.97 20.58 -1.01
N SER B 138 -10.22 21.00 -0.93
CA SER B 138 -10.76 21.75 0.22
C SER B 138 -11.51 20.84 1.19
N ASP B 139 -11.12 19.56 1.21
CA ASP B 139 -11.80 18.56 2.02
C ASP B 139 -11.12 18.39 3.37
N PRO B 140 -11.86 18.69 4.46
CA PRO B 140 -11.27 18.53 5.80
C PRO B 140 -11.37 17.12 6.39
N PHE B 141 -12.27 16.29 5.87
CA PHE B 141 -12.50 14.96 6.42
C PHE B 141 -12.41 13.82 5.38
N PRO B 142 -11.19 13.50 4.89
CA PRO B 142 -11.08 12.45 3.88
C PRO B 142 -11.08 11.04 4.48
N GLU B 143 -11.46 10.05 3.68
CA GLU B 143 -11.49 8.66 4.13
C GLU B 143 -10.10 8.16 4.51
N SER B 144 -9.98 7.55 5.69
CA SER B 144 -8.74 6.89 6.12
C SER B 144 -8.91 5.37 6.22
N ASN B 145 -8.01 4.71 6.93
CA ASN B 145 -8.12 3.26 7.13
C ASN B 145 -9.16 2.93 8.20
N ALA B 146 -8.91 3.35 9.43
CA ALA B 146 -9.87 3.23 10.52
C ALA B 146 -10.88 4.39 10.47
N PRO B 147 -12.08 4.20 11.05
CA PRO B 147 -13.04 5.29 11.19
C PRO B 147 -12.73 6.20 12.39
N ILE B 148 -12.87 7.51 12.18
CA ILE B 148 -12.54 8.52 13.20
C ILE B 148 -13.79 9.23 13.72
N SER B 149 -13.84 9.48 15.02
CA SER B 149 -14.96 10.20 15.61
C SER B 149 -14.68 11.71 15.68
N ASP B 150 -15.11 12.42 14.65
CA ASP B 150 -14.97 13.88 14.58
C ASP B 150 -15.76 14.54 15.71
N LEU B 151 -15.16 15.55 16.33
CA LEU B 151 -15.74 16.23 17.51
C LEU B 151 -15.51 17.75 17.53
N GLN B 152 -16.59 18.52 17.60
CA GLN B 152 -16.49 19.97 17.76
C GLN B 152 -16.43 20.30 19.24
N THR B 153 -15.38 21.00 19.67
CA THR B 153 -15.22 21.42 21.08
C THR B 153 -14.27 22.61 21.21
N GLU B 154 -14.51 23.44 22.21
CA GLU B 154 -13.60 24.53 22.54
C GLU B 154 -12.31 23.97 23.14
N ILE B 155 -11.18 24.32 22.52
CA ILE B 155 -9.86 23.79 22.87
C ILE B 155 -8.94 24.89 23.42
N PRO B 156 -8.41 24.71 24.65
CA PRO B 156 -7.61 25.71 25.37
C PRO B 156 -6.34 26.20 24.65
N ASP B 157 -5.97 27.44 24.94
CA ASP B 157 -4.72 28.03 24.47
C ASP B 157 -3.82 28.37 25.66
N ARG B 158 -4.44 28.67 26.80
CA ARG B 158 -3.71 28.90 28.05
C ARG B 158 -3.61 27.60 28.86
N ALA B 159 -3.53 27.73 30.19
CA ALA B 159 -3.32 26.57 31.05
C ALA B 159 -4.48 26.33 32.02
N TRP B 160 -5.53 25.69 31.52
CA TRP B 160 -6.64 25.18 32.34
C TRP B 160 -7.16 26.17 33.39
N TYR B 164 -12.89 21.37 31.17
CA TYR B 164 -12.02 20.62 30.27
C TYR B 164 -11.56 19.32 30.93
N GLU B 165 -12.54 18.51 31.33
CA GLU B 165 -12.26 17.25 32.02
C GLU B 165 -11.85 16.14 31.06
N TRP B 166 -12.37 16.21 29.84
CA TRP B 166 -12.17 15.16 28.83
C TRP B 166 -10.72 14.92 28.43
N ILE B 167 -9.91 15.98 28.46
CA ILE B 167 -8.52 15.91 28.00
C ILE B 167 -7.65 15.01 28.90
N THR B 168 -7.85 15.11 30.22
CA THR B 168 -6.97 14.46 31.20
C THR B 168 -7.24 12.96 31.34
N GLU B 169 -8.52 12.60 31.36
CA GLU B 169 -8.95 11.22 31.60
C GLU B 169 -9.01 10.42 30.30
N TYR B 170 -7.92 9.73 29.99
CA TYR B 170 -7.74 9.05 28.70
C TYR B 170 -6.73 7.90 28.76
N ILE B 171 -6.85 6.98 27.80
CA ILE B 171 -5.94 5.82 27.64
C ILE B 171 -4.46 6.21 27.66
N GLY B 172 -4.08 7.19 26.84
CA GLY B 172 -2.73 7.73 26.84
C GLY B 172 -2.05 7.86 25.49
N LYS B 173 -2.85 7.92 24.43
CA LYS B 173 -2.31 8.09 23.08
C LYS B 173 -2.96 9.30 22.41
N THR B 174 -2.36 10.46 22.62
CA THR B 174 -2.91 11.74 22.15
C THR B 174 -1.82 12.63 21.54
N VAL B 175 -2.18 13.41 20.53
CA VAL B 175 -1.30 14.47 19.99
C VAL B 175 -2.04 15.82 19.92
N TRP B 176 -1.34 16.89 20.32
CA TRP B 176 -1.93 18.22 20.38
C TRP B 176 -1.24 19.18 19.41
N PHE B 177 -2.02 19.79 18.52
CA PHE B 177 -1.52 20.80 17.61
C PHE B 177 -1.79 22.21 18.11
N VAL B 178 -0.71 22.93 18.35
CA VAL B 178 -0.75 24.27 18.95
C VAL B 178 -0.36 25.36 17.95
N PRO B 179 -1.05 26.51 18.00
CA PRO B 179 -0.70 27.66 17.16
C PRO B 179 0.74 28.14 17.36
N SER B 180 1.17 28.22 18.62
CA SER B 180 2.50 28.72 18.95
C SER B 180 3.38 27.69 19.66
N VAL B 181 4.68 27.75 19.36
CA VAL B 181 5.70 27.07 20.15
C VAL B 181 5.75 27.71 21.56
N LYS B 182 5.23 28.93 21.65
CA LYS B 182 5.09 29.65 22.92
C LYS B 182 3.92 29.09 23.73
N MET B 183 2.78 28.92 23.06
CA MET B 183 1.61 28.30 23.66
C MET B 183 1.82 26.80 23.90
N GLY B 184 2.54 26.16 22.99
CA GLY B 184 2.90 24.75 23.15
C GLY B 184 3.56 24.51 24.50
N ASN B 185 4.60 25.27 24.78
CA ASN B 185 5.30 25.23 26.07
C ASN B 185 4.35 25.33 27.26
N GLU B 186 3.42 26.29 27.21
CA GLU B 186 2.48 26.54 28.30
C GLU B 186 1.57 25.34 28.57
N ILE B 187 0.99 24.80 27.49
CA ILE B 187 0.05 23.69 27.58
C ILE B 187 0.71 22.37 28.02
N ALA B 188 1.95 22.16 27.59
CA ALA B 188 2.71 20.95 27.91
C ALA B 188 3.09 20.87 29.39
N LEU B 189 3.60 21.96 29.94
CA LEU B 189 3.99 22.03 31.35
C LEU B 189 2.77 21.95 32.27
N CYS B 190 1.60 22.27 31.72
CA CYS B 190 0.33 22.17 32.44
C CYS B 190 -0.09 20.71 32.64
N LEU B 191 0.17 19.90 31.63
CA LEU B 191 -0.16 18.47 31.66
C LEU B 191 0.82 17.69 32.54
N GLN B 192 2.06 18.18 32.59
CA GLN B 192 3.08 17.60 33.48
C GLN B 192 2.70 17.75 34.94
N ARG B 193 1.95 18.81 35.25
CA ARG B 193 1.48 19.10 36.60
C ARG B 193 0.42 18.09 37.06
N ALA B 194 -0.32 17.53 36.09
CA ALA B 194 -1.42 16.60 36.39
C ALA B 194 -0.94 15.17 36.64
N GLY B 195 0.26 14.84 36.16
CA GLY B 195 0.79 13.49 36.26
C GLY B 195 1.00 12.86 34.89
N LYS B 196 0.56 13.56 33.84
CA LYS B 196 0.74 13.11 32.46
C LYS B 196 2.17 13.37 31.98
N LYS B 197 2.64 12.52 31.08
CA LYS B 197 3.99 12.63 30.54
C LYS B 197 3.97 13.18 29.10
N VAL B 198 4.70 14.28 28.89
CA VAL B 198 4.67 15.00 27.62
C VAL B 198 6.05 15.17 26.98
N ILE B 199 6.04 15.29 25.66
CA ILE B 199 7.22 15.66 24.89
C ILE B 199 6.85 16.72 23.86
N GLN B 200 7.80 17.60 23.55
CA GLN B 200 7.56 18.69 22.61
C GLN B 200 8.48 18.62 21.40
N LEU B 201 7.89 18.79 20.22
CA LEU B 201 8.63 18.80 18.96
C LEU B 201 8.44 20.12 18.22
N ASN B 202 9.56 20.77 17.89
CA ASN B 202 9.53 22.06 17.22
C ASN B 202 9.52 21.94 15.69
N TRP B 218 5.20 7.53 26.64
CA TRP B 218 4.67 8.90 26.59
C TRP B 218 3.14 8.92 26.52
N ASP B 219 2.54 9.95 27.12
CA ASP B 219 1.09 10.03 27.23
C ASP B 219 0.47 11.14 26.37
N PHE B 220 1.30 12.09 25.96
CA PHE B 220 0.86 13.20 25.12
C PHE B 220 1.96 13.57 24.16
N VAL B 221 1.58 14.19 23.04
CA VAL B 221 2.55 14.85 22.14
C VAL B 221 2.07 16.26 21.84
N VAL B 222 2.99 17.21 21.93
CA VAL B 222 2.70 18.62 21.62
C VAL B 222 3.65 19.09 20.53
N THR B 223 3.08 19.36 19.35
CA THR B 223 3.85 19.75 18.17
C THR B 223 3.11 20.85 17.39
N THR B 224 3.86 21.64 16.64
CA THR B 224 3.29 22.70 15.80
C THR B 224 3.05 22.26 14.35
N ASP B 225 3.89 21.36 13.85
CA ASP B 225 3.79 20.84 12.48
C ASP B 225 4.23 19.37 12.40
N ILE B 226 3.58 18.60 11.52
CA ILE B 226 3.88 17.16 11.38
C ILE B 226 4.60 16.76 10.09
N SER B 227 4.24 15.60 9.54
CA SER B 227 4.90 14.97 8.40
C SER B 227 6.27 14.41 8.80
N PHE B 233 5.92 5.29 15.25
CA PHE B 233 5.13 5.79 16.37
C PHE B 233 3.93 6.63 15.92
N LYS B 234 2.80 6.40 16.59
CA LYS B 234 1.59 7.19 16.42
C LYS B 234 0.69 7.04 17.65
N ALA B 235 -0.34 7.87 17.73
CA ALA B 235 -1.27 7.86 18.86
C ALA B 235 -2.67 7.40 18.43
N SER B 236 -3.67 7.69 19.26
CA SER B 236 -5.05 7.30 19.00
C SER B 236 -6.02 8.48 18.98
N ARG B 237 -5.56 9.64 19.46
CA ARG B 237 -6.39 10.82 19.58
C ARG B 237 -5.64 12.01 19.00
N VAL B 238 -6.37 12.96 18.42
CA VAL B 238 -5.80 14.21 17.92
C VAL B 238 -6.64 15.40 18.40
N ILE B 239 -5.99 16.33 19.08
CA ILE B 239 -6.63 17.60 19.43
C ILE B 239 -6.13 18.70 18.49
N ASP B 240 -7.05 19.30 17.74
CA ASP B 240 -6.69 20.31 16.75
C ASP B 240 -7.27 21.70 17.06
N SER B 241 -6.40 22.63 17.40
CA SER B 241 -6.79 24.03 17.58
C SER B 241 -7.21 24.66 16.26
N ARG B 242 -6.83 24.03 15.15
CA ARG B 242 -7.14 24.44 13.77
C ARG B 242 -6.56 25.82 13.45
N LYS B 243 -5.36 26.06 13.94
CA LYS B 243 -4.71 27.38 13.87
C LYS B 243 -3.21 27.21 13.91
N SER B 244 -2.52 28.09 13.18
CA SER B 244 -1.07 28.09 13.12
C SER B 244 -0.54 29.49 12.84
N VAL B 245 0.75 29.69 13.10
CA VAL B 245 1.42 30.95 12.85
C VAL B 245 2.24 30.86 11.57
N LYS B 246 1.96 31.78 10.64
CA LYS B 246 2.63 31.78 9.35
C LYS B 246 3.23 33.13 8.95
N PRO B 247 4.47 33.10 8.43
CA PRO B 247 5.16 34.28 7.93
C PRO B 247 4.41 34.95 6.80
N THR B 248 4.14 36.23 6.96
CA THR B 248 3.42 37.01 5.96
C THR B 248 4.26 38.22 5.54
N ILE B 249 4.00 38.76 4.35
CA ILE B 249 4.75 39.91 3.84
C ILE B 249 3.91 41.18 3.91
N ILE B 250 4.44 42.18 4.60
CA ILE B 250 3.81 43.49 4.65
C ILE B 250 4.57 44.44 3.74
N THR B 251 3.84 45.36 3.10
CA THR B 251 4.44 46.45 2.34
C THR B 251 3.71 47.75 2.65
N GLU B 252 4.22 48.49 3.63
CA GLU B 252 3.67 49.80 3.98
C GLU B 252 4.49 50.87 3.25
N GLY B 253 5.34 50.42 2.34
CA GLY B 253 6.28 51.27 1.61
C GLY B 253 7.48 50.43 1.31
N GLU B 254 8.19 50.04 2.37
CA GLU B 254 9.26 49.06 2.26
C GLU B 254 8.73 47.71 2.76
N GLY B 255 9.10 46.64 2.06
CA GLY B 255 8.69 45.28 2.41
C GLY B 255 9.27 44.83 3.74
N ARG B 256 8.46 44.07 4.49
CA ARG B 256 8.86 43.52 5.78
C ARG B 256 8.15 42.20 6.01
N VAL B 257 8.90 41.10 6.10
CA VAL B 257 8.30 39.83 6.51
C VAL B 257 8.05 39.84 8.03
N ILE B 258 6.78 39.69 8.41
CA ILE B 258 6.41 39.58 9.82
C ILE B 258 5.93 38.14 10.10
N LEU B 259 6.08 37.69 11.34
CA LEU B 259 5.43 36.46 11.78
C LEU B 259 4.16 36.87 12.47
N GLY B 260 3.04 36.60 11.81
CA GLY B 260 1.73 37.08 12.26
C GLY B 260 1.16 36.41 13.49
N GLU B 261 0.02 36.91 13.94
CA GLU B 261 -0.78 36.30 14.98
C GLU B 261 -1.13 34.86 14.55
N PRO B 262 -1.49 33.99 15.51
CA PRO B 262 -2.11 32.72 15.15
C PRO B 262 -3.37 32.92 14.28
N SER B 263 -3.42 32.20 13.16
CA SER B 263 -4.54 32.31 12.22
C SER B 263 -5.05 30.92 11.83
N ALA B 264 -6.29 30.85 11.35
CA ALA B 264 -6.94 29.58 11.03
C ALA B 264 -6.25 28.88 9.86
N VAL B 265 -6.10 27.56 9.97
CA VAL B 265 -5.41 26.74 8.97
C VAL B 265 -6.24 26.49 7.72
N THR B 266 -5.61 25.89 6.70
CA THR B 266 -6.31 25.45 5.50
C THR B 266 -6.96 24.10 5.74
N ALA B 267 -7.79 23.66 4.79
CA ALA B 267 -8.51 22.39 4.91
C ALA B 267 -7.60 21.19 4.67
N ALA B 268 -6.80 21.27 3.62
CA ALA B 268 -5.84 20.23 3.30
C ALA B 268 -4.81 20.08 4.44
N SER B 269 -4.64 21.16 5.19
CA SER B 269 -3.71 21.20 6.31
C SER B 269 -4.26 20.51 7.55
N ALA B 270 -5.52 20.79 7.87
CA ALA B 270 -6.20 20.13 8.98
C ALA B 270 -6.39 18.63 8.69
N ALA B 271 -6.41 18.29 7.40
CA ALA B 271 -6.47 16.91 6.95
C ALA B 271 -5.20 16.12 7.29
N GLN B 272 -4.05 16.78 7.20
CA GLN B 272 -2.80 16.15 7.61
C GLN B 272 -2.69 15.96 9.11
N ARG B 273 -3.36 16.82 9.87
CA ARG B 273 -3.36 16.75 11.33
C ARG B 273 -4.15 15.54 11.84
N ARG B 274 -5.40 15.41 11.41
CA ARG B 274 -6.23 14.26 11.76
C ARG B 274 -5.67 12.99 11.14
N GLY B 275 -5.04 13.13 9.98
CA GLY B 275 -4.45 12.01 9.25
C GLY B 275 -3.40 11.19 9.99
N ARG B 276 -2.96 11.67 11.16
CA ARG B 276 -1.99 10.92 11.97
C ARG B 276 -2.63 9.71 12.65
N THR B 277 -3.89 9.85 13.07
CA THR B 277 -4.64 8.74 13.68
C THR B 277 -5.68 8.19 12.70
N GLY B 278 -6.30 7.08 13.06
CA GLY B 278 -7.21 6.36 12.18
C GLY B 278 -6.45 5.60 11.11
N ARG B 279 -5.25 5.15 11.46
CA ARG B 279 -4.36 4.50 10.51
C ARG B 279 -4.29 3.00 10.74
N ASP B 286 -10.32 5.61 17.74
CA ASP B 286 -9.67 6.83 17.30
C ASP B 286 -10.58 8.04 17.48
N GLU B 287 -10.05 9.09 18.10
CA GLU B 287 -10.79 10.33 18.32
C GLU B 287 -10.12 11.54 17.67
N TYR B 288 -10.93 12.52 17.29
CA TYR B 288 -10.44 13.76 16.68
C TYR B 288 -11.30 14.95 17.10
N CYS B 289 -10.70 15.86 17.85
CA CYS B 289 -11.42 16.99 18.42
C CYS B 289 -10.89 18.31 17.86
N TYR B 290 -11.83 19.18 17.46
CA TYR B 290 -11.47 20.46 16.86
C TYR B 290 -12.30 21.65 17.36
N GLY B 291 -11.64 22.80 17.46
CA GLY B 291 -12.29 24.03 17.89
C GLY B 291 -12.54 24.96 16.73
N GLY B 292 -11.46 25.41 16.09
CA GLY B 292 -11.54 26.38 15.01
C GLY B 292 -12.01 25.79 13.69
N HIS B 293 -12.19 26.67 12.72
CA HIS B 293 -12.65 26.27 11.39
C HIS B 293 -11.55 26.41 10.32
N THR B 294 -11.80 25.74 9.20
CA THR B 294 -10.98 25.84 8.00
C THR B 294 -10.97 27.28 7.47
N ASN B 295 -10.04 27.58 6.57
CA ASN B 295 -9.95 28.85 5.86
C ASN B 295 -9.22 28.63 4.54
N GLU B 296 -9.80 29.08 3.44
CA GLU B 296 -9.21 28.83 2.12
C GLU B 296 -8.39 29.99 1.52
N ASP B 297 -8.60 31.21 2.03
CA ASP B 297 -7.75 32.34 1.69
C ASP B 297 -6.36 32.04 2.21
N ASP B 298 -5.35 32.36 1.40
CA ASP B 298 -4.00 31.87 1.67
C ASP B 298 -2.88 32.82 1.23
N SER B 299 -3.15 33.57 0.16
CA SER B 299 -2.17 34.46 -0.48
C SER B 299 -1.21 35.17 0.48
N ASN B 300 -1.72 35.54 1.65
CA ASN B 300 -0.96 36.32 2.63
C ASN B 300 0.38 35.69 3.03
N CYS B 301 0.51 34.38 2.79
CA CYS B 301 1.72 33.62 3.11
C CYS B 301 2.92 34.12 2.30
N ALA B 302 4.11 34.05 2.91
CA ALA B 302 5.34 34.40 2.21
C ALA B 302 5.82 33.27 1.29
N HIS B 303 5.45 32.04 1.63
CA HIS B 303 5.94 30.85 0.94
C HIS B 303 5.58 30.80 -0.54
N TRP B 304 4.50 31.47 -0.92
CA TRP B 304 4.09 31.57 -2.32
C TRP B 304 4.97 32.53 -3.13
N THR B 305 5.24 33.70 -2.56
CA THR B 305 6.13 34.68 -3.21
C THR B 305 7.57 34.19 -3.21
N GLU B 306 8.02 33.57 -2.12
CA GLU B 306 9.37 33.02 -2.04
C GLU B 306 9.59 31.90 -3.06
N ALA B 307 8.51 31.24 -3.45
CA ALA B 307 8.55 30.21 -4.47
C ALA B 307 8.71 30.82 -5.86
N ARG B 308 8.03 31.94 -6.11
CA ARG B 308 8.17 32.69 -7.36
C ARG B 308 9.59 33.24 -7.58
N ILE B 309 10.15 33.84 -6.52
CA ILE B 309 11.49 34.36 -6.55
C ILE B 309 12.46 33.27 -7.00
N MET B 310 12.21 32.03 -6.56
CA MET B 310 13.08 30.91 -6.92
C MET B 310 12.86 30.44 -8.35
N LEU B 311 11.60 30.33 -8.76
CA LEU B 311 11.26 29.82 -10.07
C LEU B 311 11.60 30.84 -11.15
N ASP B 312 11.55 32.13 -10.77
CA ASP B 312 11.98 33.21 -11.65
C ASP B 312 13.48 33.14 -11.95
N ASN B 313 14.20 32.41 -11.11
CA ASN B 313 15.64 32.24 -11.27
C ASN B 313 16.03 30.83 -11.69
N ILE B 314 15.19 30.16 -12.47
CA ILE B 314 15.61 28.89 -13.10
C ILE B 314 15.82 29.14 -14.58
N ASN B 315 17.07 29.12 -15.02
CA ASN B 315 17.35 29.30 -16.44
C ASN B 315 16.77 28.17 -17.25
N MET B 316 15.92 28.51 -18.21
CA MET B 316 15.30 27.53 -19.10
C MET B 316 15.46 27.92 -20.57
N PRO B 317 15.52 26.93 -21.47
CA PRO B 317 15.79 27.23 -22.87
C PRO B 317 14.57 27.86 -23.56
N ASN B 318 14.69 28.11 -24.87
CA ASN B 318 13.68 28.79 -25.70
C ASN B 318 13.24 30.17 -25.17
N GLY B 319 13.67 30.50 -23.96
CA GLY B 319 13.43 31.82 -23.39
C GLY B 319 12.27 31.91 -22.43
N LEU B 320 11.31 30.98 -22.55
CA LEU B 320 10.11 31.00 -21.70
C LEU B 320 10.42 30.94 -20.20
N ILE B 321 9.50 31.49 -19.40
CA ILE B 321 9.63 31.46 -17.95
C ILE B 321 8.56 30.54 -17.38
N ALA B 322 8.99 29.67 -16.45
CA ALA B 322 8.17 28.54 -15.99
C ALA B 322 7.04 28.91 -15.04
N GLN B 323 5.90 28.26 -15.22
CA GLN B 323 4.70 28.48 -14.42
C GLN B 323 4.54 27.45 -13.31
N PHE B 324 3.70 27.80 -12.33
CA PHE B 324 3.35 26.89 -11.25
C PHE B 324 2.57 25.67 -11.74
N TYR B 325 2.48 24.69 -10.86
CA TYR B 325 1.53 23.59 -10.94
C TYR B 325 0.13 24.21 -10.92
N GLN B 326 -0.71 23.77 -11.87
CA GLN B 326 -2.00 24.40 -12.13
C GLN B 326 -2.76 24.79 -10.84
N PRO B 327 -3.00 23.83 -9.92
CA PRO B 327 -3.83 24.16 -8.75
C PRO B 327 -3.32 25.34 -7.94
N GLU B 328 -2.01 25.59 -7.98
CA GLU B 328 -1.43 26.61 -7.12
C GLU B 328 -1.19 27.94 -7.84
N ARG B 329 -1.68 28.06 -9.08
CA ARG B 329 -1.42 29.25 -9.89
C ARG B 329 -2.12 30.52 -9.41
N GLU B 330 -3.23 30.35 -8.70
CA GLU B 330 -4.03 31.48 -8.21
C GLU B 330 -3.53 31.99 -6.87
N LYS B 331 -2.43 31.44 -6.37
CA LYS B 331 -1.89 31.81 -5.07
C LYS B 331 -1.00 33.06 -5.13
N VAL B 332 -0.32 33.25 -6.26
CA VAL B 332 0.57 34.40 -6.45
C VAL B 332 0.04 35.44 -7.42
N TYR B 333 0.54 36.66 -7.25
CA TYR B 333 0.20 37.77 -8.10
C TYR B 333 1.49 38.47 -8.54
N THR B 334 2.07 37.96 -9.62
CA THR B 334 3.40 38.36 -10.06
C THR B 334 3.30 38.78 -11.53
N MET B 335 4.30 39.55 -11.98
CA MET B 335 4.42 39.90 -13.39
C MET B 335 5.55 39.09 -13.99
N ASP B 336 5.37 38.61 -15.23
CA ASP B 336 6.26 37.62 -15.83
C ASP B 336 7.73 38.01 -15.66
N GLY B 337 8.51 37.11 -15.06
CA GLY B 337 9.95 37.29 -14.88
C GLY B 337 10.38 38.35 -13.88
N GLU B 338 9.44 38.82 -13.06
CA GLU B 338 9.67 39.95 -12.14
C GLU B 338 10.89 39.81 -11.22
N TYR B 339 11.21 38.58 -10.82
CA TYR B 339 12.22 38.35 -9.79
C TYR B 339 13.53 37.77 -10.30
N ARG B 340 13.75 37.81 -11.62
CA ARG B 340 14.95 37.16 -12.19
C ARG B 340 16.24 37.94 -11.92
N LEU B 341 17.15 37.33 -11.18
CA LEU B 341 18.48 37.90 -11.03
C LEU B 341 19.33 37.42 -12.20
N ARG B 342 20.22 38.28 -12.68
CA ARG B 342 20.86 38.07 -13.99
C ARG B 342 22.22 37.41 -13.98
N GLY B 343 23.02 37.61 -12.94
CA GLY B 343 24.36 37.06 -12.97
C GLY B 343 25.12 37.01 -11.68
N GLU B 344 25.71 38.14 -11.31
CA GLU B 344 26.52 38.20 -10.12
C GLU B 344 25.60 38.26 -8.91
N GLU B 345 24.48 38.95 -9.08
CA GLU B 345 23.49 39.06 -8.02
C GLU B 345 22.90 37.68 -7.69
N ARG B 346 22.66 36.87 -8.72
CA ARG B 346 22.23 35.48 -8.52
C ARG B 346 23.31 34.61 -7.86
N LYS B 347 24.56 34.78 -8.27
CA LYS B 347 25.68 34.06 -7.64
C LYS B 347 25.72 34.32 -6.15
N ASN B 348 25.44 35.56 -5.76
CA ASN B 348 25.33 35.93 -4.35
C ASN B 348 24.11 35.26 -3.71
N PHE B 349 22.95 35.43 -4.35
CA PHE B 349 21.68 34.91 -3.87
C PHE B 349 21.81 33.50 -3.32
N LEU B 350 22.39 32.62 -4.12
CA LEU B 350 22.59 31.22 -3.75
C LEU B 350 23.43 31.08 -2.48
N GLU B 351 24.59 31.73 -2.44
CA GLU B 351 25.47 31.64 -1.27
C GLU B 351 24.78 32.19 -0.03
N LEU B 352 23.77 33.04 -0.24
CA LEU B 352 23.02 33.60 0.88
C LEU B 352 22.01 32.60 1.43
N LEU B 353 21.67 31.59 0.63
CA LEU B 353 20.77 30.52 1.06
C LEU B 353 21.54 29.32 1.62
N ARG B 354 22.53 28.83 0.87
CA ARG B 354 23.32 27.68 1.29
C ARG B 354 24.17 27.94 2.54
N THR B 355 25.15 28.84 2.43
CA THR B 355 26.09 29.08 3.52
C THR B 355 25.44 29.84 4.68
N ALA B 356 24.53 30.76 4.37
CA ALA B 356 24.04 31.70 5.37
C ALA B 356 22.75 31.27 6.06
N ASP B 357 21.92 30.50 5.36
CA ASP B 357 20.61 30.02 5.84
C ASP B 357 19.58 31.15 6.00
N LEU B 358 19.69 32.18 5.17
CA LEU B 358 18.76 33.31 5.22
C LEU B 358 17.48 32.96 4.48
N PRO B 359 16.32 33.41 4.98
CA PRO B 359 15.07 33.13 4.30
C PRO B 359 15.09 33.70 2.87
N VAL B 360 14.32 33.09 1.98
CA VAL B 360 14.36 33.46 0.56
C VAL B 360 14.04 34.93 0.35
N TRP B 361 12.94 35.42 0.92
CA TRP B 361 12.59 36.83 0.76
C TRP B 361 13.70 37.81 1.17
N LEU B 362 14.29 37.60 2.34
CA LEU B 362 15.38 38.45 2.78
C LEU B 362 16.65 38.24 1.97
N ALA B 363 16.84 37.05 1.41
CA ALA B 363 18.02 36.80 0.57
C ALA B 363 17.96 37.61 -0.71
N TYR B 364 16.74 37.76 -1.24
CA TYR B 364 16.51 38.44 -2.50
C TYR B 364 16.81 39.93 -2.38
N LYS B 365 16.08 40.61 -1.50
CA LYS B 365 16.29 42.04 -1.22
C LYS B 365 17.77 42.43 -1.19
N VAL B 366 18.55 41.66 -0.45
CA VAL B 366 20.00 41.82 -0.33
C VAL B 366 20.68 41.63 -1.70
N ALA B 367 20.55 40.45 -2.28
CA ALA B 367 21.18 40.21 -3.59
C ALA B 367 20.65 41.17 -4.64
N ALA B 368 19.35 41.42 -4.63
CA ALA B 368 18.72 42.29 -5.62
C ALA B 368 19.22 43.71 -5.49
N ALA B 369 19.59 44.11 -4.28
CA ALA B 369 20.09 45.46 -4.03
C ALA B 369 21.49 45.63 -4.56
N GLY B 370 22.17 44.52 -4.84
CA GLY B 370 23.52 44.54 -5.38
C GLY B 370 24.59 44.33 -4.33
N VAL B 371 24.20 44.31 -3.06
CA VAL B 371 25.17 44.08 -1.98
C VAL B 371 25.79 42.70 -2.16
N SER B 372 27.10 42.63 -1.91
CA SER B 372 27.89 41.42 -2.13
C SER B 372 27.79 40.55 -0.88
N TYR B 373 27.97 39.24 -1.06
CA TYR B 373 27.77 38.27 0.02
C TYR B 373 28.60 38.57 1.25
N HIS B 374 29.89 38.83 1.02
CA HIS B 374 30.79 39.13 2.12
C HIS B 374 30.68 40.55 2.64
N ASP B 375 30.11 41.44 1.83
CA ASP B 375 29.81 42.78 2.31
C ASP B 375 28.62 42.68 3.26
N ARG B 376 28.90 42.83 4.55
CA ARG B 376 27.87 42.66 5.55
C ARG B 376 27.46 43.97 6.21
N ARG B 377 27.52 45.04 5.42
CA ARG B 377 27.17 46.38 5.90
C ARG B 377 25.67 46.53 6.16
N TRP B 378 24.85 45.92 5.31
CA TRP B 378 23.40 46.06 5.40
C TRP B 378 22.82 45.70 6.75
N CYS B 379 23.52 44.87 7.51
CA CYS B 379 23.09 44.44 8.84
C CYS B 379 23.13 45.53 9.93
N PHE B 380 23.52 46.75 9.55
CA PHE B 380 23.68 47.86 10.50
C PHE B 380 23.23 49.21 9.95
N ASP B 381 23.27 49.38 8.64
CA ASP B 381 22.98 50.69 8.03
C ASP B 381 21.52 50.86 7.59
N GLY B 382 20.61 50.35 8.40
CA GLY B 382 19.17 50.50 8.16
C GLY B 382 18.58 51.58 9.03
N PRO B 383 17.35 52.03 8.71
CA PRO B 383 16.59 53.03 9.50
C PRO B 383 16.44 52.71 10.99
N ARG B 384 16.12 53.72 11.79
CA ARG B 384 15.85 53.54 13.22
C ARG B 384 14.61 52.67 13.52
N THR B 385 13.70 52.56 12.54
CA THR B 385 12.56 51.65 12.65
C THR B 385 12.97 50.17 12.64
N ASN B 386 14.16 49.88 12.13
CA ASN B 386 14.63 48.50 11.96
C ASN B 386 15.61 48.01 13.02
N THR B 387 15.39 48.38 14.28
CA THR B 387 16.27 47.95 15.36
C THR B 387 15.83 46.59 15.88
N ILE B 388 16.70 45.59 15.82
CA ILE B 388 16.35 44.25 16.31
C ILE B 388 16.46 44.17 17.84
N LEU B 389 15.34 43.88 18.49
CA LEU B 389 15.30 43.82 19.95
C LEU B 389 15.28 42.38 20.44
N GLU B 390 15.86 42.15 21.63
CA GLU B 390 16.11 40.80 22.11
C GLU B 390 15.41 40.56 23.45
N ASP B 391 16.07 40.93 24.53
CA ASP B 391 15.47 40.87 25.86
C ASP B 391 14.76 42.18 26.20
N ASN B 392 13.88 42.61 25.31
CA ASN B 392 13.58 44.04 25.17
C ASN B 392 14.82 44.91 25.35
N ASN B 393 15.92 44.52 24.70
CA ASN B 393 17.12 45.35 24.64
C ASN B 393 17.69 45.39 23.22
N GLU B 394 18.68 46.25 23.01
CA GLU B 394 19.37 46.34 21.71
C GLU B 394 20.43 45.25 21.59
N VAL B 395 20.34 44.44 20.53
CA VAL B 395 21.29 43.35 20.32
C VAL B 395 22.61 43.88 19.71
N GLU B 396 23.72 43.63 20.40
CA GLU B 396 25.04 44.07 19.93
C GLU B 396 25.93 42.90 19.46
N VAL B 397 26.75 43.19 18.45
CA VAL B 397 27.63 42.21 17.83
C VAL B 397 29.04 42.76 17.68
N ILE B 398 30.02 42.00 18.16
CA ILE B 398 31.42 42.33 17.99
C ILE B 398 31.89 41.79 16.63
N THR B 399 32.61 42.62 15.89
CA THR B 399 33.16 42.24 14.59
C THR B 399 34.44 41.39 14.72
N LYS B 400 34.75 40.62 13.68
CA LYS B 400 36.03 39.92 13.57
C LYS B 400 37.16 40.92 13.31
N LEU B 401 36.79 42.16 12.99
CA LEU B 401 37.74 43.26 12.98
C LEU B 401 37.96 43.75 14.42
N GLY B 402 36.86 43.92 15.16
CA GLY B 402 36.93 44.32 16.56
C GLY B 402 35.91 45.33 17.04
N GLU B 403 35.23 45.99 16.10
CA GLU B 403 34.27 47.04 16.43
C GLU B 403 33.04 46.49 17.13
N ARG B 404 32.36 47.34 17.89
CA ARG B 404 31.06 47.01 18.48
C ARG B 404 29.97 47.69 17.69
N LYS B 405 28.98 46.90 17.25
CA LYS B 405 27.85 47.41 16.47
C LYS B 405 26.51 46.88 16.95
N ILE B 406 25.46 47.67 16.75
CA ILE B 406 24.07 47.30 17.03
C ILE B 406 23.35 46.87 15.75
N LEU B 407 22.64 45.75 15.80
CA LEU B 407 21.88 45.27 14.63
C LEU B 407 20.75 46.17 14.17
N ARG B 408 20.88 46.69 12.95
CA ARG B 408 19.86 47.52 12.35
C ARG B 408 19.78 47.21 10.85
N PRO B 409 19.23 46.03 10.51
CA PRO B 409 19.34 45.56 9.12
C PRO B 409 18.53 46.43 8.17
N ARG B 410 19.01 46.59 6.94
CA ARG B 410 18.30 47.38 5.96
C ARG B 410 16.88 46.87 5.73
N TRP B 411 16.68 45.58 5.96
CA TRP B 411 15.39 44.95 5.71
C TRP B 411 15.13 43.97 6.85
N ILE B 412 13.89 43.95 7.34
CA ILE B 412 13.53 43.06 8.44
C ILE B 412 12.83 41.82 7.91
N ASP B 413 13.23 40.66 8.44
CA ASP B 413 12.51 39.42 8.25
C ASP B 413 12.47 38.77 9.62
N ALA B 414 11.27 38.63 10.17
CA ALA B 414 11.10 38.20 11.57
C ALA B 414 11.74 36.83 11.85
N ARG B 415 11.88 36.04 10.79
CA ARG B 415 12.37 34.67 10.88
C ARG B 415 13.80 34.56 11.42
N VAL B 416 14.61 35.58 11.16
CA VAL B 416 16.02 35.57 11.56
C VAL B 416 16.25 36.00 13.01
N TYR B 417 15.23 36.53 13.67
CA TYR B 417 15.36 36.90 15.08
C TYR B 417 14.22 36.41 15.98
N SER B 418 13.39 35.49 15.47
CA SER B 418 12.26 34.96 16.23
C SER B 418 12.69 34.09 17.42
N ASP B 419 13.25 32.92 17.13
CA ASP B 419 13.72 32.00 18.17
C ASP B 419 15.19 32.23 18.52
N HIS B 420 15.60 31.75 19.69
CA HIS B 420 16.96 31.93 20.20
C HIS B 420 18.03 31.37 19.26
N GLN B 421 17.79 30.18 18.71
CA GLN B 421 18.72 29.55 17.78
C GLN B 421 18.96 30.43 16.55
N ALA B 422 17.88 30.80 15.86
CA ALA B 422 17.95 31.63 14.66
C ALA B 422 18.71 32.94 14.86
N LEU B 423 18.49 33.60 16.00
CA LEU B 423 19.16 34.88 16.29
C LEU B 423 20.68 34.75 16.38
N LYS B 424 21.16 33.74 17.11
CA LYS B 424 22.60 33.50 17.23
C LYS B 424 23.26 33.30 15.88
N SER B 425 22.61 32.52 15.01
CA SER B 425 23.10 32.26 13.66
C SER B 425 23.15 33.56 12.83
N PHE B 426 22.22 34.46 13.10
CA PHE B 426 22.17 35.72 12.39
C PHE B 426 23.18 36.69 13.03
N LYS B 427 23.34 36.59 14.34
CA LYS B 427 24.36 37.38 15.05
C LYS B 427 25.73 36.96 14.55
N ASP B 428 25.91 35.65 14.38
CA ASP B 428 27.15 35.10 13.87
C ASP B 428 27.40 35.58 12.45
N PHE B 429 26.35 35.59 11.62
CA PHE B 429 26.44 36.11 10.25
C PHE B 429 26.79 37.59 10.23
N ALA B 430 26.16 38.37 11.11
CA ALA B 430 26.38 39.81 11.19
C ALA B 430 27.82 40.19 11.62
N SER B 431 28.50 39.27 12.30
CA SER B 431 29.92 39.44 12.61
C SER B 431 30.78 39.02 11.41
N GLY B 432 30.16 38.38 10.43
CA GLY B 432 30.89 37.88 9.27
C GLY B 432 31.41 36.48 9.52
N LYS B 433 30.56 35.64 10.12
CA LYS B 433 30.97 34.30 10.46
C LYS B 433 29.99 33.24 9.96
N ARG B 434 29.82 33.20 8.63
CA ARG B 434 29.25 32.05 7.90
C ARG B 434 27.90 31.52 8.41
#